data_6XR0
#
_entry.id   6XR0
#
_cell.length_a   57.829
_cell.length_b   136.910
_cell.length_c   111.135
_cell.angle_alpha   90.000
_cell.angle_beta   91.460
_cell.angle_gamma   90.000
#
_symmetry.space_group_name_H-M   'P 1 21 1'
#
loop_
_entity.id
_entity.type
_entity.pdbx_description
1 polymer 'SC57.32 Fab Heavy Chain'
2 polymer 'SC57.32 Fab Light Chain'
3 polymer Melanotransferrin
4 branched 2-acetamido-2-deoxy-beta-D-glucopyranose-(1-4)-2-acetamido-2-deoxy-beta-D-glucopyranose
5 non-polymer 2-acetamido-2-deoxy-beta-D-glucopyranose
6 non-polymer 'MAGNESIUM ION'
7 non-polymer 'SODIUM ION'
8 non-polymer 'FE (III) ION'
9 non-polymer 'BICARBONATE ION'
10 water water
#
loop_
_entity_poly.entity_id
_entity_poly.type
_entity_poly.pdbx_seq_one_letter_code
_entity_poly.pdbx_strand_id
1 'polypeptide(L)'
;QVQLQQSGAELMKPGASVKISCKATGYTFSNYRIEWIKQRPGHGLEWIGEILPRGGNTNYNEKFKGKATFTADTSSNTAY
MQLTSLTSEDSAVYYCARDDGYYGRFAYWGQGTLVTVSAAKTTPPSVYPLAPGSAAQTNSMVTLGCLVKGYFPEPVTVTW
NSGSLSSGVHTFPAVLQSDLYTLSSSVTVPSSTWPSETVTCNVAHPASSTKVDKKIVPRDC
;
H
2 'polypeptide(L)'
;DIQMTQTTSSLSASLGDRVTISCRASQDISNYLNWYQQKPDGTVKLLIFYTSRLHSGVPSRFSGSGSGTDYSLTISNLEQ
EDFATYFCQQGNTLPPTFGGGTKLEIKRADAAPTVSIFPPSSEQLTSGGASVVCFLNNFYPKDINVKWKIDGSERQNGVL
NSWTDQDSKDSTYSMSSTLTLTKDEYERHNSYTCEATHKTSTSPIVKSFNRNEC
;
L
3 'polypeptide(L)'
;MRGPSGALWLLLALRTVLGGMEVRWCATSDPEQHKCGNMSEAFREAGIQPSLLCVRGTSADHCVQLIAAQEADAITLDGG
AIYEAGKEHGLKPVVGEVYDQEVGTSYYAVAVVRRSSHVTIDTLKGVKSCHTGINRTVGWNVPVGYLVESGRLSVMGCDV
LKAVSDYFGGSCVPGAGETSYSESLCRLCRGDSSGEGVCDKSPLERYYDYSGAFRCLAEGAGDVAFVKHSTVLENTDGKT
LPSWGQALLSQDFELLCRDGSRADVTEWRQCHLARVPAHAVVVRADTDGGLIFRLLNEGQRLFSHEGSSFQMFSSEAYGQ
KDLLFKDSTSELVPIATQTYEAWLGHEYLHAMKGLLCDPNRLPPYLRWCVLSTPEIQKCGDMAVAFRRQRLKPEIQCVSA
KSPQHCMERIQAEQVDAVTLSGEDIYTAGKTYGLVPAAGEHYAPEDSSNSYYVVAVVRRDSSHAFTLDELRGKRSCHAGF
GSPAGWDVPVGALIQRGFIRPKDCDVLTAVSEFFNASCVPVNNPKNYPSSLCALCVGDEQGRNKCVGNSQERYYGYRGAF
RCLVENAGDVAFVRHTTVFDNTNGHNSEPWAAELRSEDYELLCPNGARAEVSQFAACNLAQIPPHAVMVRPDTNIFTVYG
LLDKAQDLFGDDHNKNGFKMFDSSNYHGQDLLFKDATVRAVPVGEKTTYRGWLGLDYVAALEGMSSQQCSGAAAPAPGAP
LLPLLLPALAARLLPPAL
;
M
#
loop_
_chem_comp.id
_chem_comp.type
_chem_comp.name
_chem_comp.formula
BCT non-polymer 'BICARBONATE ION' 'C H O3 -1'
FE non-polymer 'FE (III) ION' 'Fe 3'
MG non-polymer 'MAGNESIUM ION' 'Mg 2'
NA non-polymer 'SODIUM ION' 'Na 1'
NAG D-saccharide, beta linking 2-acetamido-2-deoxy-beta-D-glucopyranose 'C8 H15 N O6'
#
# COMPACT_ATOMS: atom_id res chain seq x y z
N GLN A 1 -1.17 -35.15 -9.10
CA GLN A 1 -0.75 -33.80 -9.41
C GLN A 1 -1.80 -33.05 -10.32
N VAL A 2 -1.67 -31.70 -10.43
CA VAL A 2 -2.44 -30.84 -11.31
C VAL A 2 -2.09 -31.27 -12.73
N GLN A 3 -3.10 -31.43 -13.58
CA GLN A 3 -2.86 -31.83 -14.94
C GLN A 3 -4.01 -31.38 -15.83
N LEU A 4 -3.72 -30.69 -16.93
CA LEU A 4 -4.77 -30.28 -17.87
C LEU A 4 -4.57 -31.07 -19.17
N GLN A 5 -5.51 -31.94 -19.50
CA GLN A 5 -5.39 -32.77 -20.69
C GLN A 5 -6.32 -32.26 -21.76
N GLN A 6 -5.77 -31.90 -22.91
CA GLN A 6 -6.51 -31.31 -24.01
C GLN A 6 -6.99 -32.32 -25.03
N SER A 7 -8.00 -31.94 -25.83
CA SER A 7 -8.52 -32.78 -26.88
C SER A 7 -7.48 -33.00 -28.05
N GLY A 8 -7.78 -33.96 -28.91
CA GLY A 8 -6.87 -34.33 -29.99
C GLY A 8 -6.85 -33.37 -31.15
N ALA A 9 -5.85 -33.53 -32.04
CA ALA A 9 -5.69 -32.66 -33.20
C ALA A 9 -6.93 -32.65 -34.05
N GLU A 10 -7.35 -31.45 -34.46
CA GLU A 10 -8.55 -31.27 -35.25
C GLU A 10 -8.24 -30.75 -36.65
N LEU A 11 -9.03 -31.19 -37.62
CA LEU A 11 -8.79 -30.85 -39.01
C LEU A 11 -10.08 -30.35 -39.64
N MET A 12 -10.25 -29.03 -39.78
CA MET A 12 -11.49 -28.46 -40.29
C MET A 12 -11.37 -27.78 -41.64
N LYS A 13 -12.51 -27.67 -42.37
CA LYS A 13 -12.52 -26.95 -43.65
C LYS A 13 -12.63 -25.45 -43.35
N PRO A 14 -12.15 -24.57 -44.24
CA PRO A 14 -12.30 -23.12 -43.98
C PRO A 14 -13.76 -22.72 -43.92
N GLY A 15 -14.07 -21.80 -43.02
CA GLY A 15 -15.44 -21.36 -42.82
C GLY A 15 -16.14 -22.11 -41.70
N ALA A 16 -15.70 -23.33 -41.40
CA ALA A 16 -16.29 -24.15 -40.35
C ALA A 16 -15.94 -23.57 -38.92
N SER A 17 -16.27 -24.28 -37.84
CA SER A 17 -15.91 -23.89 -36.51
C SER A 17 -15.49 -25.15 -35.73
N VAL A 18 -14.71 -24.95 -34.69
CA VAL A 18 -14.15 -26.05 -33.90
C VAL A 18 -14.37 -25.82 -32.41
N LYS A 19 -14.40 -26.90 -31.64
CA LYS A 19 -14.52 -26.80 -30.19
C LYS A 19 -13.42 -27.67 -29.58
N ILE A 20 -12.39 -27.00 -29.04
CA ILE A 20 -11.26 -27.60 -28.33
C ILE A 20 -11.69 -27.74 -26.87
N SER A 21 -11.28 -28.82 -26.23
CA SER A 21 -11.57 -29.02 -24.83
C SER A 21 -10.24 -29.08 -24.01
N CYS A 22 -10.36 -29.06 -22.68
CA CYS A 22 -9.22 -29.07 -21.78
C CYS A 22 -9.74 -29.52 -20.40
N LYS A 23 -9.71 -30.83 -20.13
CA LYS A 23 -10.20 -31.39 -18.87
C LYS A 23 -9.11 -31.22 -17.82
N ALA A 24 -9.48 -30.66 -16.67
CA ALA A 24 -8.57 -30.37 -15.56
C ALA A 24 -8.71 -31.38 -14.44
N THR A 25 -7.59 -31.80 -13.87
CA THR A 25 -7.57 -32.73 -12.76
C THR A 25 -6.54 -32.33 -11.74
N GLY A 26 -6.77 -32.71 -10.50
CA GLY A 26 -5.82 -32.48 -9.43
C GLY A 26 -6.01 -31.22 -8.61
N TYR A 27 -7.10 -30.49 -8.82
CA TYR A 27 -7.34 -29.28 -8.05
C TYR A 27 -8.81 -28.82 -8.13
N THR A 28 -9.15 -27.71 -7.43
CA THR A 28 -10.50 -27.14 -7.52
C THR A 28 -10.63 -26.33 -8.80
N PHE A 29 -11.34 -26.91 -9.77
CA PHE A 29 -11.53 -26.33 -11.08
C PHE A 29 -12.17 -24.96 -11.00
N SER A 30 -13.19 -24.83 -10.17
CA SER A 30 -13.92 -23.56 -10.03
C SER A 30 -13.08 -22.35 -9.69
N ASN A 31 -11.97 -22.54 -9.00
CA ASN A 31 -11.18 -21.44 -8.46
C ASN A 31 -10.20 -20.72 -9.38
N TYR A 32 -9.54 -21.44 -10.28
CA TYR A 32 -8.50 -20.84 -11.10
C TYR A 32 -8.92 -20.52 -12.51
N ARG A 33 -8.59 -19.29 -12.98
CA ARG A 33 -8.86 -18.90 -14.36
C ARG A 33 -8.11 -19.84 -15.35
N ILE A 34 -8.72 -20.13 -16.49
CA ILE A 34 -8.13 -20.96 -17.52
C ILE A 34 -7.80 -20.05 -18.69
N GLU A 35 -6.49 -19.91 -18.99
CA GLU A 35 -6.02 -19.11 -20.10
C GLU A 35 -6.04 -19.92 -21.40
N TRP A 36 -6.15 -19.26 -22.55
CA TRP A 36 -6.11 -19.92 -23.85
C TRP A 36 -5.15 -19.15 -24.70
N ILE A 37 -4.09 -19.85 -25.18
CA ILE A 37 -2.97 -19.28 -25.94
C ILE A 37 -2.84 -19.95 -27.29
N LYS A 38 -2.43 -19.19 -28.31
CA LYS A 38 -2.26 -19.65 -29.68
C LYS A 38 -0.80 -19.62 -30.07
N GLN A 39 -0.32 -20.70 -30.68
CA GLN A 39 1.04 -20.74 -31.17
C GLN A 39 1.16 -21.12 -32.65
N ARG A 40 1.75 -20.21 -33.43
CA ARG A 40 2.03 -20.37 -34.85
C ARG A 40 3.54 -20.18 -35.05
N PRO A 41 4.12 -20.91 -36.01
CA PRO A 41 5.56 -20.72 -36.28
C PRO A 41 5.90 -19.28 -36.70
N GLY A 42 6.87 -18.69 -36.01
CA GLY A 42 7.31 -17.33 -36.29
C GLY A 42 6.32 -16.26 -35.88
N HIS A 43 5.47 -16.57 -34.89
CA HIS A 43 4.47 -15.61 -34.39
C HIS A 43 4.37 -15.64 -32.84
N GLY A 44 5.45 -16.08 -32.18
CA GLY A 44 5.51 -16.19 -30.72
C GLY A 44 4.31 -16.93 -30.15
N LEU A 45 3.77 -16.39 -29.07
CA LEU A 45 2.57 -16.92 -28.46
C LEU A 45 1.58 -15.74 -28.31
N GLU A 46 0.31 -16.00 -28.57
CA GLU A 46 -0.73 -14.99 -28.48
C GLU A 46 -1.78 -15.41 -27.51
N TRP A 47 -2.12 -14.52 -26.58
CA TRP A 47 -3.14 -14.81 -25.62
C TRP A 47 -4.50 -14.53 -26.25
N ILE A 48 -5.31 -15.58 -26.40
CA ILE A 48 -6.66 -15.42 -26.92
C ILE A 48 -7.58 -14.85 -25.81
N GLY A 49 -7.50 -15.39 -24.60
CA GLY A 49 -8.32 -14.89 -23.49
C GLY A 49 -8.28 -15.78 -22.27
N GLU A 50 -9.22 -15.54 -21.36
CA GLU A 50 -9.32 -16.35 -20.14
C GLU A 50 -10.76 -16.48 -19.63
N ILE A 51 -11.01 -17.50 -18.82
CA ILE A 51 -12.34 -17.71 -18.24
C ILE A 51 -12.17 -18.19 -16.79
N LEU A 52 -12.90 -17.62 -15.84
CA LEU A 52 -12.88 -18.12 -14.47
C LEU A 52 -14.09 -19.06 -14.42
N PRO A 53 -13.89 -20.36 -14.15
CA PRO A 53 -15.02 -21.28 -14.20
C PRO A 53 -16.10 -21.03 -13.17
N ARG A 54 -15.80 -20.32 -12.07
CA ARG A 54 -16.84 -20.02 -11.07
C ARG A 54 -17.61 -18.79 -11.51
N GLY A 55 -18.71 -19.01 -12.22
CA GLY A 55 -19.51 -17.89 -12.72
C GLY A 55 -19.30 -17.59 -14.19
N GLY A 56 -18.27 -18.16 -14.80
CA GLY A 56 -18.06 -18.03 -16.23
C GLY A 56 -17.54 -16.70 -16.72
N ASN A 57 -17.00 -15.86 -15.82
CA ASN A 57 -16.45 -14.57 -16.23
C ASN A 57 -15.36 -14.73 -17.27
N THR A 58 -15.46 -14.00 -18.38
CA THR A 58 -14.48 -14.06 -19.46
C THR A 58 -13.86 -12.72 -19.77
N ASN A 59 -12.63 -12.73 -20.24
CA ASN A 59 -11.86 -11.60 -20.74
C ASN A 59 -11.27 -12.06 -22.04
N TYR A 60 -11.64 -11.44 -23.18
CA TYR A 60 -11.11 -11.84 -24.49
C TYR A 60 -10.14 -10.80 -25.04
N ASN A 61 -9.09 -11.26 -25.73
CA ASN A 61 -8.18 -10.36 -26.43
C ASN A 61 -8.97 -9.73 -27.59
N GLU A 62 -8.95 -8.38 -27.70
CA GLU A 62 -9.67 -7.65 -28.75
C GLU A 62 -9.45 -8.18 -30.15
N LYS A 63 -8.19 -8.49 -30.51
CA LYS A 63 -7.86 -9.03 -31.84
C LYS A 63 -8.55 -10.33 -32.14
N PHE A 64 -9.09 -11.02 -31.14
CA PHE A 64 -9.77 -12.28 -31.35
C PHE A 64 -11.27 -12.07 -31.35
N LYS A 65 -11.82 -11.30 -30.37
CA LYS A 65 -13.25 -10.93 -30.25
C LYS A 65 -14.11 -11.22 -31.52
N GLY A 66 -15.03 -12.14 -31.32
CA GLY A 66 -15.90 -12.65 -32.35
C GLY A 66 -15.49 -14.07 -32.63
N LYS A 67 -14.18 -14.28 -32.88
CA LYS A 67 -13.68 -15.59 -33.24
C LYS A 67 -13.74 -16.59 -32.12
N ALA A 68 -13.23 -16.22 -30.94
CA ALA A 68 -13.17 -17.12 -29.80
C ALA A 68 -14.32 -16.94 -28.82
N THR A 69 -14.77 -18.05 -28.23
CA THR A 69 -15.83 -18.09 -27.23
C THR A 69 -15.42 -19.14 -26.21
N PHE A 70 -15.51 -18.83 -24.90
CA PHE A 70 -15.12 -19.78 -23.85
C PHE A 70 -16.29 -20.19 -23.01
N THR A 71 -16.32 -21.44 -22.57
CA THR A 71 -17.27 -21.97 -21.60
C THR A 71 -16.50 -22.89 -20.64
N ALA A 72 -17.08 -23.20 -19.46
CA ALA A 72 -16.45 -24.16 -18.55
C ALA A 72 -17.53 -24.89 -17.78
N ASP A 73 -17.55 -26.24 -17.82
CA ASP A 73 -18.54 -27.01 -17.09
C ASP A 73 -17.97 -27.47 -15.77
N THR A 74 -18.25 -26.75 -14.69
CA THR A 74 -17.75 -27.07 -13.36
C THR A 74 -18.14 -28.44 -12.84
N SER A 75 -19.14 -29.07 -13.44
CA SER A 75 -19.54 -30.41 -13.02
C SER A 75 -18.63 -31.47 -13.64
N SER A 76 -18.12 -31.24 -14.85
CA SER A 76 -17.24 -32.18 -15.51
C SER A 76 -15.78 -31.71 -15.55
N ASN A 77 -15.45 -30.57 -14.90
CA ASN A 77 -14.09 -30.04 -14.85
C ASN A 77 -13.46 -29.92 -16.23
N THR A 78 -14.21 -29.34 -17.18
CA THR A 78 -13.71 -29.17 -18.52
C THR A 78 -14.00 -27.78 -19.03
N ALA A 79 -12.99 -27.13 -19.63
CA ALA A 79 -13.11 -25.81 -20.20
C ALA A 79 -13.02 -25.94 -21.73
N TYR A 80 -13.84 -25.16 -22.46
CA TYR A 80 -13.91 -25.25 -23.90
C TYR A 80 -13.57 -23.91 -24.55
N MET A 81 -13.18 -23.96 -25.81
CA MET A 81 -12.99 -22.80 -26.62
C MET A 81 -13.50 -23.12 -28.01
N GLN A 82 -14.28 -22.19 -28.58
CA GLN A 82 -14.76 -22.36 -29.91
C GLN A 82 -14.19 -21.30 -30.82
N LEU A 83 -13.70 -21.69 -32.01
CA LEU A 83 -13.20 -20.71 -33.00
C LEU A 83 -14.12 -20.78 -34.18
N THR A 84 -14.62 -19.65 -34.67
CA THR A 84 -15.58 -19.64 -35.78
C THR A 84 -14.93 -19.06 -37.06
N SER A 85 -15.55 -19.33 -38.24
CA SER A 85 -15.09 -18.84 -39.55
C SER A 85 -13.60 -19.13 -39.75
N LEU A 86 -13.25 -20.41 -39.76
CA LEU A 86 -11.86 -20.80 -39.81
C LEU A 86 -11.14 -20.41 -41.10
N THR A 87 -9.85 -20.10 -40.97
CA THR A 87 -8.98 -19.71 -42.08
C THR A 87 -7.60 -20.29 -41.83
N SER A 88 -6.77 -20.44 -42.85
CA SER A 88 -5.40 -20.94 -42.69
C SER A 88 -4.61 -20.17 -41.60
N GLU A 89 -4.94 -18.89 -41.38
CA GLU A 89 -4.30 -18.12 -40.34
C GLU A 89 -4.69 -18.57 -38.92
N ASP A 90 -5.76 -19.36 -38.80
CA ASP A 90 -6.18 -20.00 -37.57
C ASP A 90 -5.48 -21.33 -37.35
N SER A 91 -4.81 -21.91 -38.38
CA SER A 91 -4.06 -23.16 -38.27
C SER A 91 -2.90 -22.91 -37.35
N ALA A 92 -2.96 -23.48 -36.13
CA ALA A 92 -1.96 -23.24 -35.09
C ALA A 92 -2.03 -24.35 -33.98
N VAL A 93 -1.21 -24.24 -32.92
CA VAL A 93 -1.22 -25.12 -31.76
C VAL A 93 -1.82 -24.30 -30.63
N TYR A 94 -2.91 -24.80 -30.03
CA TYR A 94 -3.65 -24.07 -29.02
C TYR A 94 -3.49 -24.70 -27.68
N TYR A 95 -3.03 -23.92 -26.68
CA TYR A 95 -2.85 -24.44 -25.32
C TYR A 95 -3.83 -23.82 -24.35
N CYS A 96 -4.23 -24.59 -23.37
CA CYS A 96 -4.93 -24.08 -22.23
C CYS A 96 -3.88 -24.05 -21.12
N ALA A 97 -3.84 -23.00 -20.34
CA ALA A 97 -2.94 -22.90 -19.22
C ALA A 97 -3.75 -22.43 -18.00
N ARG A 98 -3.21 -22.57 -16.80
CA ARG A 98 -3.92 -22.19 -15.58
C ARG A 98 -3.26 -20.97 -14.93
N ASP A 99 -4.05 -19.98 -14.54
CA ASP A 99 -3.50 -18.82 -13.87
C ASP A 99 -3.46 -19.12 -12.37
N ASP A 100 -2.24 -19.16 -11.82
CA ASP A 100 -2.05 -19.41 -10.40
C ASP A 100 -2.74 -18.41 -9.47
N GLY A 101 -3.17 -17.29 -10.01
CA GLY A 101 -3.83 -16.26 -9.22
C GLY A 101 -2.86 -15.22 -8.70
N TYR A 102 -1.54 -15.43 -8.93
CA TYR A 102 -0.51 -14.49 -8.49
C TYR A 102 0.37 -14.15 -9.67
N TYR A 103 0.83 -12.89 -9.77
CA TYR A 103 1.79 -12.43 -10.76
C TYR A 103 1.49 -12.80 -12.22
N GLY A 104 0.22 -13.14 -12.53
CA GLY A 104 -0.16 -13.56 -13.88
C GLY A 104 0.68 -14.71 -14.40
N ARG A 105 1.10 -15.64 -13.52
CA ARG A 105 1.95 -16.75 -13.92
C ARG A 105 1.14 -18.00 -14.22
N PHE A 106 1.52 -18.69 -15.28
CA PHE A 106 0.80 -19.90 -15.70
C PHE A 106 1.67 -21.08 -15.36
N ALA A 107 1.50 -21.63 -14.16
CA ALA A 107 2.33 -22.73 -13.70
C ALA A 107 2.07 -24.07 -14.41
N TYR A 108 0.82 -24.34 -14.81
CA TYR A 108 0.46 -25.61 -15.46
C TYR A 108 -0.17 -25.40 -16.82
N TRP A 109 0.44 -26.00 -17.85
CA TRP A 109 -0.01 -25.91 -19.24
C TRP A 109 -0.56 -27.24 -19.76
N GLY A 110 -1.38 -27.16 -20.80
CA GLY A 110 -1.90 -28.34 -21.46
C GLY A 110 -0.84 -28.86 -22.42
N GLN A 111 -1.09 -29.99 -23.06
CA GLN A 111 -0.14 -30.54 -24.02
C GLN A 111 -0.18 -29.85 -25.39
N GLY A 112 -1.25 -29.08 -25.64
CA GLY A 112 -1.53 -28.43 -26.91
C GLY A 112 -2.51 -29.20 -27.76
N THR A 113 -3.15 -28.49 -28.68
CA THR A 113 -4.08 -29.13 -29.61
C THR A 113 -3.80 -28.55 -30.95
N LEU A 114 -3.45 -29.39 -31.90
CA LEU A 114 -3.22 -28.92 -33.26
C LEU A 114 -4.55 -28.66 -33.99
N VAL A 115 -4.73 -27.45 -34.51
CA VAL A 115 -5.89 -27.14 -35.32
C VAL A 115 -5.38 -26.83 -36.71
N THR A 116 -5.89 -27.55 -37.71
CA THR A 116 -5.47 -27.37 -39.11
C THR A 116 -6.67 -27.02 -40.00
N VAL A 117 -6.61 -25.88 -40.67
CA VAL A 117 -7.70 -25.43 -41.51
C VAL A 117 -7.31 -25.66 -42.97
N SER A 118 -7.99 -26.62 -43.64
CA SER A 118 -7.70 -26.90 -45.03
C SER A 118 -8.88 -27.39 -45.77
N ALA A 119 -9.03 -26.87 -47.01
CA ALA A 119 -10.09 -27.30 -47.90
C ALA A 119 -9.76 -28.63 -48.61
N ALA A 120 -8.49 -29.10 -48.57
CA ALA A 120 -8.01 -30.33 -49.20
C ALA A 120 -8.80 -31.57 -48.80
N LYS A 121 -8.76 -32.58 -49.66
CA LYS A 121 -9.44 -33.85 -49.43
C LYS A 121 -8.38 -34.92 -49.14
N THR A 122 -8.69 -35.87 -48.22
CA THR A 122 -7.80 -36.98 -47.87
C THR A 122 -7.28 -37.69 -49.11
N THR A 123 -5.95 -37.64 -49.27
CA THR A 123 -5.23 -38.16 -50.43
C THR A 123 -4.00 -38.95 -49.98
N PRO A 124 -3.85 -40.21 -50.45
CA PRO A 124 -2.68 -40.99 -50.07
C PRO A 124 -1.44 -40.52 -50.85
N PRO A 125 -0.25 -40.76 -50.31
CA PRO A 125 0.97 -40.30 -50.98
C PRO A 125 1.41 -41.14 -52.17
N SER A 126 2.17 -40.53 -53.09
CA SER A 126 2.79 -41.21 -54.22
C SER A 126 4.26 -41.35 -53.84
N VAL A 127 4.75 -42.58 -53.69
CA VAL A 127 6.12 -42.81 -53.24
C VAL A 127 7.05 -43.18 -54.39
N TYR A 128 8.14 -42.44 -54.53
CA TYR A 128 9.10 -42.66 -55.62
C TYR A 128 10.50 -42.92 -55.04
N PRO A 129 11.24 -43.87 -55.64
CA PRO A 129 12.58 -44.16 -55.14
C PRO A 129 13.60 -43.18 -55.69
N LEU A 130 14.60 -42.86 -54.87
CA LEU A 130 15.69 -42.00 -55.30
C LEU A 130 16.97 -42.78 -55.16
N ALA A 131 17.46 -43.34 -56.29
CA ALA A 131 18.69 -44.11 -56.38
C ALA A 131 19.74 -43.29 -57.12
N PRO A 132 21.03 -43.57 -56.90
CA PRO A 132 22.07 -42.79 -57.60
C PRO A 132 22.47 -43.40 -58.97
N GLY A 133 23.42 -42.77 -59.67
CA GLY A 133 23.91 -43.25 -60.96
C GLY A 133 25.35 -43.73 -60.96
N SER A 140 34.02 -45.43 -49.72
CA SER A 140 32.95 -44.41 -49.75
C SER A 140 31.66 -44.90 -49.04
N MET A 141 30.71 -43.97 -48.81
CA MET A 141 29.37 -44.32 -48.32
C MET A 141 28.34 -43.89 -49.37
N VAL A 142 27.23 -44.63 -49.50
CA VAL A 142 26.21 -44.31 -50.49
C VAL A 142 24.92 -43.82 -49.85
N THR A 143 24.38 -42.70 -50.35
CA THR A 143 23.13 -42.12 -49.86
C THR A 143 21.98 -42.44 -50.81
N LEU A 144 20.89 -42.94 -50.27
CA LEU A 144 19.67 -43.27 -51.01
C LEU A 144 18.53 -42.41 -50.46
N GLY A 145 17.41 -42.41 -51.16
CA GLY A 145 16.27 -41.62 -50.73
C GLY A 145 14.91 -42.10 -51.17
N CYS A 146 13.89 -41.41 -50.67
CA CYS A 146 12.48 -41.65 -50.93
C CYS A 146 11.80 -40.32 -51.10
N LEU A 147 10.95 -40.21 -52.12
CA LEU A 147 10.17 -39.01 -52.36
C LEU A 147 8.70 -39.33 -52.12
N VAL A 148 8.10 -38.63 -51.17
CA VAL A 148 6.68 -38.77 -50.81
C VAL A 148 5.93 -37.52 -51.31
N LYS A 149 5.16 -37.65 -52.39
CA LYS A 149 4.53 -36.51 -53.02
C LYS A 149 3.04 -36.56 -52.99
N GLY A 150 2.42 -35.40 -52.85
CA GLY A 150 0.98 -35.26 -52.97
C GLY A 150 0.12 -36.05 -52.01
N TYR A 151 0.28 -35.83 -50.72
CA TYR A 151 -0.56 -36.47 -49.72
C TYR A 151 -1.22 -35.43 -48.80
N PHE A 152 -2.40 -35.73 -48.29
CA PHE A 152 -3.09 -34.88 -47.32
C PHE A 152 -3.97 -35.80 -46.48
N PRO A 153 -4.00 -35.67 -45.16
CA PRO A 153 -3.27 -34.71 -44.32
C PRO A 153 -1.96 -35.25 -43.81
N GLU A 154 -1.34 -34.55 -42.86
CA GLU A 154 -0.16 -35.03 -42.17
C GLU A 154 -0.65 -35.88 -40.98
N PRO A 155 0.19 -36.80 -40.49
CA PRO A 155 1.54 -37.10 -40.94
C PRO A 155 1.61 -38.42 -41.69
N VAL A 156 2.78 -38.66 -42.25
CA VAL A 156 3.18 -39.93 -42.80
C VAL A 156 4.38 -40.32 -41.98
N THR A 157 4.57 -41.63 -41.77
CA THR A 157 5.74 -42.10 -41.05
C THR A 157 6.61 -42.85 -42.04
N VAL A 158 7.88 -42.44 -42.14
CA VAL A 158 8.85 -43.06 -43.04
C VAL A 158 9.88 -43.86 -42.25
N THR A 159 9.97 -45.15 -42.56
CA THR A 159 10.97 -46.07 -41.98
C THR A 159 11.78 -46.70 -43.10
N TRP A 160 12.98 -47.16 -42.78
CA TRP A 160 13.84 -47.82 -43.74
C TRP A 160 14.05 -49.24 -43.28
N ASN A 161 13.64 -50.21 -44.11
CA ASN A 161 13.74 -51.65 -43.76
C ASN A 161 12.91 -51.96 -42.52
N SER A 162 11.76 -51.32 -42.40
CA SER A 162 10.86 -51.52 -41.28
C SER A 162 11.54 -51.21 -39.95
N GLY A 163 12.28 -50.11 -39.90
CA GLY A 163 12.94 -49.69 -38.68
C GLY A 163 14.35 -50.22 -38.46
N SER A 164 14.72 -51.34 -39.15
CA SER A 164 16.04 -51.99 -39.03
C SER A 164 17.14 -50.98 -39.28
N LEU A 165 17.03 -50.24 -40.39
CA LEU A 165 17.97 -49.17 -40.70
C LEU A 165 17.50 -47.94 -39.95
N SER A 166 18.23 -47.58 -38.90
CA SER A 166 17.82 -46.46 -38.05
C SER A 166 18.81 -45.30 -38.04
N SER A 167 20.12 -45.61 -38.06
CA SER A 167 21.12 -44.53 -38.07
C SER A 167 21.43 -44.16 -39.53
N GLY A 168 21.70 -42.88 -39.74
CA GLY A 168 22.01 -42.38 -41.09
C GLY A 168 20.79 -41.93 -41.86
N VAL A 169 19.61 -41.89 -41.20
CA VAL A 169 18.35 -41.44 -41.77
C VAL A 169 18.10 -39.98 -41.46
N HIS A 170 17.53 -39.28 -42.42
CA HIS A 170 17.09 -37.89 -42.32
C HIS A 170 15.73 -37.77 -42.99
N THR A 171 14.67 -37.69 -42.20
CA THR A 171 13.34 -37.44 -42.76
C THR A 171 13.08 -35.96 -42.56
N PHE A 172 12.69 -35.25 -43.63
CA PHE A 172 12.54 -33.83 -43.59
C PHE A 172 11.12 -33.36 -43.32
N PRO A 173 10.94 -32.17 -42.71
CA PRO A 173 9.59 -31.64 -42.50
C PRO A 173 8.84 -31.49 -43.83
N ALA A 174 7.50 -31.74 -43.82
CA ALA A 174 6.68 -31.62 -45.04
C ALA A 174 6.44 -30.16 -45.39
N VAL A 175 6.27 -29.91 -46.67
CA VAL A 175 6.02 -28.58 -47.20
C VAL A 175 4.81 -28.69 -48.13
N LEU A 176 3.91 -27.71 -48.07
CA LEU A 176 2.73 -27.71 -48.91
C LEU A 176 3.06 -27.38 -50.36
N GLN A 177 2.88 -28.37 -51.25
CA GLN A 177 3.09 -28.21 -52.68
C GLN A 177 2.01 -27.34 -53.29
N SER A 178 0.76 -27.47 -52.79
CA SER A 178 -0.43 -26.73 -53.22
C SER A 178 -1.37 -26.86 -52.03
N ASP A 179 -2.33 -27.79 -52.03
CA ASP A 179 -3.14 -28.13 -50.87
C ASP A 179 -2.65 -29.49 -50.28
N LEU A 180 -1.76 -30.22 -50.99
CA LEU A 180 -1.20 -31.48 -50.52
C LEU A 180 0.23 -31.26 -50.10
N TYR A 181 0.69 -32.12 -49.19
CA TYR A 181 2.02 -32.10 -48.60
C TYR A 181 3.01 -32.93 -49.40
N THR A 182 4.29 -32.62 -49.22
CA THR A 182 5.35 -33.38 -49.86
C THR A 182 6.56 -33.42 -48.93
N LEU A 183 7.21 -34.57 -48.90
CA LEU A 183 8.32 -34.81 -47.98
C LEU A 183 9.35 -35.71 -48.67
N SER A 184 10.58 -35.74 -48.16
CA SER A 184 11.60 -36.66 -48.63
C SER A 184 12.35 -37.24 -47.43
N SER A 185 13.03 -38.37 -47.64
CA SER A 185 13.83 -38.98 -46.59
C SER A 185 15.08 -39.59 -47.17
N SER A 186 16.22 -39.35 -46.55
CA SER A 186 17.50 -39.88 -47.02
C SER A 186 18.06 -40.86 -46.04
N VAL A 187 18.64 -41.95 -46.53
CA VAL A 187 19.38 -42.90 -45.73
C VAL A 187 20.75 -43.01 -46.39
N THR A 188 21.82 -43.15 -45.60
CA THR A 188 23.17 -43.31 -46.14
C THR A 188 23.74 -44.57 -45.51
N VAL A 189 24.14 -45.54 -46.33
CA VAL A 189 24.67 -46.82 -45.85
C VAL A 189 26.06 -47.07 -46.43
N PRO A 190 26.87 -47.95 -45.82
CA PRO A 190 28.18 -48.30 -46.42
C PRO A 190 27.97 -48.89 -47.82
N SER A 191 28.79 -48.44 -48.79
CA SER A 191 28.71 -48.85 -50.21
C SER A 191 28.57 -50.34 -50.39
N SER A 192 29.22 -51.11 -49.52
CA SER A 192 29.17 -52.55 -49.47
C SER A 192 27.73 -53.08 -49.44
N THR A 193 26.92 -52.49 -48.55
CA THR A 193 25.62 -52.96 -48.17
C THR A 193 24.48 -52.75 -49.12
N TRP A 194 24.38 -51.60 -49.81
CA TRP A 194 23.17 -51.37 -50.60
C TRP A 194 23.02 -52.30 -51.82
N PRO A 195 23.85 -52.20 -52.88
CA PRO A 195 23.56 -52.98 -54.08
C PRO A 195 23.45 -54.46 -53.76
N SER A 196 24.32 -54.94 -52.83
CA SER A 196 24.32 -56.31 -52.35
C SER A 196 23.03 -56.66 -51.62
N GLU A 197 22.78 -56.04 -50.45
CA GLU A 197 21.61 -56.34 -49.63
C GLU A 197 20.56 -55.26 -49.67
N THR A 198 19.31 -55.69 -49.84
CA THR A 198 18.11 -54.87 -50.07
C THR A 198 17.93 -53.71 -49.10
N VAL A 199 17.47 -52.57 -49.66
CA VAL A 199 17.11 -51.35 -48.94
C VAL A 199 15.72 -50.98 -49.42
N THR A 200 14.75 -50.98 -48.51
CA THR A 200 13.36 -50.63 -48.85
C THR A 200 12.90 -49.43 -48.03
N CYS A 201 11.98 -48.69 -48.58
CA CYS A 201 11.45 -47.49 -47.97
C CYS A 201 9.96 -47.68 -47.63
N ASN A 202 9.62 -47.59 -46.34
CA ASN A 202 8.26 -47.81 -45.88
C ASN A 202 7.58 -46.50 -45.51
N VAL A 203 6.50 -46.18 -46.21
CA VAL A 203 5.75 -44.96 -45.95
C VAL A 203 4.33 -45.31 -45.56
N ALA A 204 3.92 -44.92 -44.35
CA ALA A 204 2.59 -45.22 -43.81
C ALA A 204 1.75 -43.96 -43.72
N HIS A 205 0.49 -44.00 -44.15
CA HIS A 205 -0.40 -42.85 -44.07
C HIS A 205 -1.70 -43.32 -43.41
N PRO A 206 -1.74 -43.31 -42.07
CA PRO A 206 -2.92 -43.81 -41.35
C PRO A 206 -4.21 -43.14 -41.74
N ALA A 207 -4.16 -41.84 -42.07
CA ALA A 207 -5.34 -41.09 -42.47
C ALA A 207 -6.02 -41.67 -43.70
N SER A 208 -5.28 -42.34 -44.58
CA SER A 208 -5.88 -42.97 -45.76
C SER A 208 -5.82 -44.50 -45.71
N SER A 209 -5.36 -45.07 -44.57
CA SER A 209 -5.20 -46.50 -44.35
C SER A 209 -4.37 -47.12 -45.46
N THR A 210 -3.26 -46.45 -45.82
CA THR A 210 -2.39 -46.94 -46.89
C THR A 210 -0.94 -46.95 -46.47
N LYS A 211 -0.26 -48.03 -46.78
CA LYS A 211 1.17 -48.16 -46.57
C LYS A 211 1.73 -48.65 -47.90
N VAL A 212 2.89 -48.13 -48.31
CA VAL A 212 3.54 -48.61 -49.51
C VAL A 212 5.02 -48.77 -49.27
N ASP A 213 5.56 -49.90 -49.72
CA ASP A 213 6.98 -50.21 -49.58
C ASP A 213 7.61 -50.07 -50.93
N LYS A 214 8.78 -49.43 -50.97
CA LYS A 214 9.43 -49.15 -52.24
C LYS A 214 10.88 -49.55 -52.18
N LYS A 215 11.25 -50.60 -52.93
CA LYS A 215 12.64 -51.05 -52.92
C LYS A 215 13.50 -50.14 -53.79
N ILE A 216 14.62 -49.70 -53.24
CA ILE A 216 15.53 -48.82 -53.95
C ILE A 216 16.44 -49.67 -54.82
N VAL A 217 16.07 -49.85 -56.08
CA VAL A 217 16.91 -50.61 -57.01
C VAL A 217 17.79 -49.62 -57.80
N PRO A 218 19.04 -50.02 -58.17
CA PRO A 218 19.85 -49.15 -59.03
C PRO A 218 19.17 -48.93 -60.38
N ARG A 219 19.41 -47.78 -61.00
CA ARG A 219 18.82 -47.46 -62.29
C ARG A 219 19.33 -48.39 -63.39
N ASP A 220 18.44 -48.84 -64.32
CA ASP A 220 18.80 -49.74 -65.41
C ASP A 220 19.54 -48.99 -66.53
N CYS A 221 20.48 -49.66 -67.20
CA CYS A 221 21.26 -49.08 -68.30
C CYS A 221 21.05 -49.97 -69.53
N ASP B 1 -1.63 -2.43 -25.93
CA ASP B 1 -0.85 -3.60 -25.52
C ASP B 1 0.62 -3.31 -25.17
N ILE B 2 1.24 -4.16 -24.36
CA ILE B 2 2.65 -4.02 -24.04
C ILE B 2 3.37 -5.01 -24.94
N GLN B 3 4.33 -4.56 -25.74
CA GLN B 3 5.05 -5.46 -26.65
C GLN B 3 6.37 -5.96 -26.06
N MET B 4 6.50 -7.29 -25.87
CA MET B 4 7.73 -7.85 -25.34
C MET B 4 8.63 -8.25 -26.50
N THR B 5 9.85 -7.71 -26.54
CA THR B 5 10.78 -7.97 -27.59
C THR B 5 11.94 -8.77 -27.07
N GLN B 6 12.23 -9.90 -27.72
CA GLN B 6 13.36 -10.72 -27.33
C GLN B 6 14.46 -10.55 -28.32
N THR B 7 15.57 -9.96 -27.83
CA THR B 7 16.79 -9.61 -28.54
C THR B 7 17.14 -10.51 -29.72
N THR B 8 17.30 -11.82 -29.44
CA THR B 8 17.80 -12.76 -30.41
C THR B 8 16.91 -13.97 -30.48
N SER B 9 16.58 -14.41 -31.67
CA SER B 9 15.71 -15.57 -31.84
C SER B 9 16.44 -16.90 -31.72
N SER B 10 17.78 -16.90 -31.85
CA SER B 10 18.57 -18.12 -31.77
C SER B 10 19.91 -17.85 -31.11
N LEU B 11 20.39 -18.80 -30.29
CA LEU B 11 21.67 -18.67 -29.61
C LEU B 11 22.31 -20.01 -29.48
N SER B 12 23.61 -20.10 -29.73
CA SER B 12 24.33 -21.37 -29.60
C SER B 12 25.28 -21.36 -28.41
N ALA B 13 25.38 -22.49 -27.71
CA ALA B 13 26.23 -22.64 -26.54
C ALA B 13 26.58 -24.12 -26.32
N SER B 14 27.55 -24.43 -25.46
CA SER B 14 27.92 -25.81 -25.17
C SER B 14 27.73 -26.10 -23.67
N LEU B 15 27.65 -27.39 -23.30
CA LEU B 15 27.45 -27.82 -21.91
C LEU B 15 28.41 -27.14 -20.92
N GLY B 16 27.88 -26.73 -19.78
CA GLY B 16 28.63 -26.04 -18.74
C GLY B 16 28.69 -24.53 -18.88
N ASP B 17 28.26 -23.99 -20.03
CA ASP B 17 28.28 -22.53 -20.23
C ASP B 17 27.28 -21.75 -19.35
N ARG B 18 27.48 -20.42 -19.28
CA ARG B 18 26.58 -19.48 -18.62
C ARG B 18 25.95 -18.68 -19.76
N VAL B 19 24.63 -18.75 -19.89
CA VAL B 19 23.92 -18.11 -21.00
C VAL B 19 22.89 -17.11 -20.49
N THR B 20 22.77 -15.96 -21.16
CA THR B 20 21.79 -14.96 -20.77
C THR B 20 20.86 -14.60 -21.92
N ILE B 21 19.57 -14.95 -21.78
CA ILE B 21 18.53 -14.58 -22.70
C ILE B 21 17.91 -13.29 -22.18
N SER B 22 17.51 -12.37 -23.06
CA SER B 22 16.99 -11.10 -22.60
C SER B 22 15.71 -10.70 -23.30
N CYS B 23 14.84 -10.05 -22.50
CA CYS B 23 13.51 -9.56 -22.84
C CYS B 23 13.47 -8.03 -22.67
N ARG B 24 12.54 -7.35 -23.35
CA ARG B 24 12.40 -5.91 -23.23
C ARG B 24 10.99 -5.47 -23.54
N ALA B 25 10.32 -4.83 -22.57
CA ALA B 25 8.93 -4.41 -22.70
C ALA B 25 8.78 -3.03 -23.28
N SER B 26 7.67 -2.77 -24.00
CA SER B 26 7.37 -1.46 -24.57
C SER B 26 7.20 -0.38 -23.49
N GLN B 27 6.91 -0.76 -22.24
CA GLN B 27 6.76 0.19 -21.14
C GLN B 27 7.19 -0.41 -19.82
N ASP B 28 7.31 0.42 -18.77
CA ASP B 28 7.67 -0.06 -17.44
C ASP B 28 6.64 -1.08 -16.93
N ILE B 29 7.09 -2.31 -16.67
CA ILE B 29 6.20 -3.37 -16.22
C ILE B 29 6.44 -3.73 -14.73
N SER B 30 7.12 -2.87 -13.98
CA SER B 30 7.31 -2.98 -12.54
C SER B 30 7.60 -4.38 -12.05
N ASN B 31 8.51 -5.07 -12.75
CA ASN B 31 8.99 -6.41 -12.39
C ASN B 31 8.02 -7.54 -12.58
N TYR B 32 6.79 -7.27 -13.06
CA TYR B 32 5.84 -8.33 -13.29
C TYR B 32 6.22 -9.00 -14.60
N LEU B 33 7.27 -9.83 -14.58
CA LEU B 33 7.72 -10.57 -15.75
C LEU B 33 7.98 -12.03 -15.41
N ASN B 34 7.46 -12.93 -16.22
CA ASN B 34 7.63 -14.36 -16.03
C ASN B 34 8.40 -14.96 -17.22
N TRP B 35 9.12 -16.06 -16.96
CA TRP B 35 9.93 -16.71 -17.97
C TRP B 35 9.48 -18.14 -18.10
N TYR B 36 9.31 -18.60 -19.34
CA TYR B 36 8.88 -19.96 -19.61
C TYR B 36 9.88 -20.68 -20.51
N GLN B 37 9.85 -22.02 -20.44
CA GLN B 37 10.66 -22.87 -21.28
C GLN B 37 9.75 -23.78 -22.09
N GLN B 38 9.99 -23.90 -23.39
CA GLN B 38 9.23 -24.81 -24.24
C GLN B 38 10.18 -25.79 -24.93
N LYS B 39 9.90 -27.09 -24.81
CA LYS B 39 10.70 -28.13 -25.45
C LYS B 39 10.13 -28.49 -26.84
N PRO B 40 10.88 -29.22 -27.70
CA PRO B 40 10.42 -29.43 -29.09
C PRO B 40 9.11 -30.17 -29.25
N ASP B 41 8.70 -30.91 -28.22
CA ASP B 41 7.41 -31.62 -28.20
C ASP B 41 6.24 -30.73 -27.73
N GLY B 42 6.46 -29.41 -27.65
CA GLY B 42 5.45 -28.44 -27.23
C GLY B 42 5.09 -28.51 -25.76
N THR B 43 6.04 -28.88 -24.91
CA THR B 43 5.80 -28.96 -23.47
C THR B 43 6.26 -27.66 -22.86
N VAL B 44 5.38 -26.99 -22.10
CA VAL B 44 5.73 -25.68 -21.54
C VAL B 44 5.86 -25.72 -20.02
N LYS B 45 6.93 -25.13 -19.50
CA LYS B 45 7.23 -25.08 -18.08
C LYS B 45 7.45 -23.63 -17.65
N LEU B 46 7.05 -23.30 -16.43
CA LEU B 46 7.27 -21.97 -15.87
C LEU B 46 8.59 -22.05 -15.09
N LEU B 47 9.51 -21.11 -15.32
CA LEU B 47 10.78 -21.13 -14.63
C LEU B 47 10.84 -20.07 -13.57
N ILE B 48 10.62 -18.82 -13.95
CA ILE B 48 10.71 -17.69 -13.03
C ILE B 48 9.44 -16.88 -13.09
N PHE B 49 9.00 -16.36 -11.95
CA PHE B 49 7.89 -15.44 -11.91
C PHE B 49 8.34 -14.17 -11.17
N TYR B 50 7.82 -13.00 -11.61
CA TYR B 50 8.11 -11.73 -10.98
C TYR B 50 9.60 -11.46 -10.97
N THR B 51 10.19 -11.35 -12.16
CA THR B 51 11.61 -11.06 -12.39
C THR B 51 12.59 -12.16 -11.98
N SER B 52 12.59 -12.59 -10.70
CA SER B 52 13.63 -13.45 -10.18
C SER B 52 13.22 -14.63 -9.31
N ARG B 53 11.97 -14.70 -8.84
CA ARG B 53 11.56 -15.81 -7.99
C ARG B 53 11.53 -17.14 -8.76
N LEU B 54 12.14 -18.19 -8.23
CA LEU B 54 12.11 -19.50 -8.91
C LEU B 54 10.81 -20.23 -8.67
N HIS B 55 10.24 -20.84 -9.70
CA HIS B 55 9.03 -21.65 -9.52
C HIS B 55 9.48 -22.94 -8.82
N SER B 56 8.72 -23.42 -7.80
CA SER B 56 9.07 -24.65 -7.09
C SER B 56 9.29 -25.84 -8.04
N GLY B 57 10.41 -26.51 -7.91
CA GLY B 57 10.77 -27.62 -8.79
C GLY B 57 11.81 -27.24 -9.82
N VAL B 58 12.09 -25.93 -9.99
CA VAL B 58 13.03 -25.48 -10.99
C VAL B 58 14.45 -25.50 -10.47
N PRO B 59 15.37 -26.14 -11.22
CA PRO B 59 16.80 -26.11 -10.85
C PRO B 59 17.33 -24.69 -10.62
N SER B 60 18.24 -24.54 -9.66
CA SER B 60 18.82 -23.24 -9.31
C SER B 60 19.76 -22.65 -10.34
N ARG B 61 20.12 -23.42 -11.39
CA ARG B 61 20.94 -22.85 -12.46
C ARG B 61 20.22 -21.70 -13.14
N PHE B 62 18.88 -21.78 -13.22
CA PHE B 62 18.07 -20.71 -13.79
C PHE B 62 17.94 -19.60 -12.77
N SER B 63 18.28 -18.38 -13.16
CA SER B 63 18.17 -17.23 -12.28
C SER B 63 17.59 -16.05 -13.09
N GLY B 64 16.82 -15.20 -12.44
CA GLY B 64 16.20 -14.08 -13.12
C GLY B 64 16.69 -12.75 -12.63
N SER B 65 16.66 -11.75 -13.50
CA SER B 65 17.12 -10.40 -13.16
C SER B 65 16.42 -9.34 -14.03
N GLY B 66 16.56 -8.08 -13.62
CA GLY B 66 16.02 -6.95 -14.37
C GLY B 66 15.19 -6.00 -13.55
N SER B 67 14.79 -4.92 -14.19
CA SER B 67 13.93 -3.89 -13.59
C SER B 67 13.46 -2.96 -14.72
N GLY B 68 12.44 -2.16 -14.43
CA GLY B 68 11.94 -1.20 -15.41
C GLY B 68 11.40 -1.85 -16.66
N THR B 69 12.13 -1.74 -17.75
CA THR B 69 11.72 -2.37 -19.01
C THR B 69 12.67 -3.48 -19.47
N ASP B 70 13.85 -3.58 -18.86
CA ASP B 70 14.84 -4.54 -19.27
C ASP B 70 14.97 -5.64 -18.27
N TYR B 71 14.71 -6.87 -18.73
CA TYR B 71 14.80 -8.07 -17.93
C TYR B 71 15.64 -9.11 -18.64
N SER B 72 16.16 -10.09 -17.90
CA SER B 72 16.98 -11.13 -18.49
C SER B 72 16.95 -12.44 -17.63
N LEU B 73 17.12 -13.55 -18.29
CA LEU B 73 17.13 -14.87 -17.70
C LEU B 73 18.51 -15.44 -17.91
N THR B 74 19.08 -16.07 -16.88
CA THR B 74 20.43 -16.61 -16.93
C THR B 74 20.45 -18.07 -16.58
N ILE B 75 21.15 -18.87 -17.38
CA ILE B 75 21.31 -20.29 -17.12
C ILE B 75 22.77 -20.55 -16.85
N SER B 76 23.11 -20.93 -15.61
CA SER B 76 24.48 -21.25 -15.16
C SER B 76 24.75 -22.75 -15.34
N ASN B 77 26.02 -23.16 -15.55
CA ASN B 77 26.36 -24.58 -15.76
C ASN B 77 25.36 -25.30 -16.69
N LEU B 78 25.26 -24.85 -17.95
CA LEU B 78 24.31 -25.35 -18.93
C LEU B 78 24.31 -26.88 -19.03
N GLU B 79 23.15 -27.48 -19.13
CA GLU B 79 23.03 -28.94 -19.20
C GLU B 79 22.21 -29.39 -20.41
N GLN B 80 22.20 -30.68 -20.71
CA GLN B 80 21.56 -31.18 -21.92
C GLN B 80 20.11 -30.77 -22.11
N GLU B 81 19.29 -30.94 -21.06
CA GLU B 81 17.86 -30.63 -21.08
C GLU B 81 17.56 -29.15 -21.22
N ASP B 82 18.55 -28.27 -21.09
CA ASP B 82 18.36 -26.83 -21.21
C ASP B 82 18.26 -26.33 -22.63
N PHE B 83 18.66 -27.13 -23.62
CA PHE B 83 18.57 -26.73 -25.02
C PHE B 83 17.10 -26.83 -25.48
N ALA B 84 16.44 -25.66 -25.54
CA ALA B 84 15.02 -25.51 -25.80
C ALA B 84 14.76 -24.03 -26.13
N THR B 85 13.49 -23.63 -26.35
CA THR B 85 13.13 -22.24 -26.64
C THR B 85 12.67 -21.59 -25.35
N TYR B 86 13.06 -20.33 -25.15
CA TYR B 86 12.73 -19.61 -23.91
C TYR B 86 11.91 -18.37 -24.22
N PHE B 87 10.71 -18.26 -23.60
CA PHE B 87 9.78 -17.13 -23.79
C PHE B 87 9.70 -16.27 -22.57
N CYS B 88 9.37 -14.99 -22.73
CA CYS B 88 9.09 -14.11 -21.60
C CYS B 88 7.63 -13.68 -21.67
N GLN B 89 7.06 -13.29 -20.55
CA GLN B 89 5.67 -12.84 -20.47
C GLN B 89 5.57 -11.74 -19.46
N GLN B 90 4.62 -10.83 -19.63
CA GLN B 90 4.37 -9.81 -18.63
C GLN B 90 3.05 -10.07 -17.94
N GLY B 91 3.04 -9.87 -16.64
CA GLY B 91 1.80 -9.99 -15.88
C GLY B 91 1.37 -8.63 -15.37
N ASN B 92 1.82 -7.57 -16.01
CA ASN B 92 1.56 -6.22 -15.58
C ASN B 92 0.19 -5.74 -15.95
N THR B 93 -0.27 -6.03 -17.15
CA THR B 93 -1.55 -5.52 -17.64
C THR B 93 -2.10 -6.47 -18.66
N LEU B 94 -3.43 -6.62 -18.69
CA LEU B 94 -4.05 -7.47 -19.71
C LEU B 94 -4.06 -6.73 -21.06
N PRO B 95 -3.92 -7.40 -22.19
CA PRO B 95 -3.70 -8.83 -22.34
C PRO B 95 -2.27 -9.23 -22.04
N PRO B 96 -2.04 -10.38 -21.37
CA PRO B 96 -0.66 -10.84 -21.16
C PRO B 96 0.00 -11.03 -22.52
N THR B 97 1.26 -10.57 -22.64
CA THR B 97 1.96 -10.61 -23.91
C THR B 97 3.24 -11.32 -23.76
N PHE B 98 3.64 -12.08 -24.76
CA PHE B 98 4.86 -12.87 -24.72
C PHE B 98 5.95 -12.35 -25.66
N GLY B 99 7.14 -12.91 -25.55
CA GLY B 99 8.21 -12.63 -26.47
C GLY B 99 8.15 -13.61 -27.62
N GLY B 100 9.00 -13.39 -28.61
CA GLY B 100 9.02 -14.25 -29.79
C GLY B 100 9.69 -15.60 -29.58
N GLY B 101 10.49 -15.69 -28.53
CA GLY B 101 11.22 -16.91 -28.22
C GLY B 101 12.69 -16.80 -28.56
N THR B 102 13.52 -17.63 -27.92
CA THR B 102 14.95 -17.67 -28.16
C THR B 102 15.36 -19.11 -28.08
N LYS B 103 15.74 -19.71 -29.22
CA LYS B 103 16.12 -21.12 -29.22
C LYS B 103 17.60 -21.31 -28.88
N LEU B 104 17.89 -22.10 -27.83
CA LEU B 104 19.25 -22.42 -27.44
C LEU B 104 19.66 -23.67 -28.21
N GLU B 105 20.70 -23.54 -29.03
CA GLU B 105 21.22 -24.57 -29.93
C GLU B 105 22.60 -25.04 -29.50
N ILE B 106 22.88 -26.33 -29.65
CA ILE B 106 24.15 -26.92 -29.25
C ILE B 106 25.27 -26.47 -30.15
N LYS B 107 26.37 -26.01 -29.57
CA LYS B 107 27.53 -25.60 -30.35
C LYS B 107 28.32 -26.84 -30.71
N ARG B 108 28.97 -26.80 -31.87
CA ARG B 108 29.82 -27.88 -32.35
C ARG B 108 30.80 -27.36 -33.40
N ALA B 109 31.76 -28.22 -33.79
CA ALA B 109 32.73 -27.87 -34.81
C ALA B 109 32.08 -27.77 -36.19
N ASP B 110 32.42 -26.72 -36.96
CA ASP B 110 31.90 -26.54 -38.31
C ASP B 110 32.20 -27.76 -39.19
N ALA B 111 31.16 -28.27 -39.86
CA ALA B 111 31.26 -29.41 -40.75
C ALA B 111 30.66 -29.04 -42.11
N ALA B 112 31.11 -29.71 -43.17
CA ALA B 112 30.61 -29.39 -44.51
C ALA B 112 29.53 -30.37 -44.96
N PRO B 113 28.60 -29.89 -45.81
CA PRO B 113 27.49 -30.76 -46.24
C PRO B 113 27.92 -31.91 -47.12
N THR B 114 27.15 -33.00 -47.09
CA THR B 114 27.42 -34.18 -47.91
C THR B 114 26.34 -34.19 -48.98
N VAL B 115 26.61 -33.52 -50.09
CA VAL B 115 25.63 -33.28 -51.14
C VAL B 115 25.38 -34.49 -52.03
N SER B 116 24.12 -34.83 -52.26
CA SER B 116 23.75 -35.96 -53.10
C SER B 116 22.61 -35.53 -54.01
N ILE B 117 22.76 -35.73 -55.31
CA ILE B 117 21.73 -35.33 -56.26
C ILE B 117 21.13 -36.58 -56.92
N PHE B 118 19.80 -36.60 -57.10
CA PHE B 118 19.10 -37.74 -57.66
C PHE B 118 18.18 -37.29 -58.77
N PRO B 119 18.32 -37.86 -59.98
CA PRO B 119 17.37 -37.53 -61.04
C PRO B 119 15.97 -38.10 -60.75
N PRO B 120 14.94 -37.70 -61.52
CA PRO B 120 13.61 -38.28 -61.30
C PRO B 120 13.59 -39.77 -61.53
N SER B 121 12.83 -40.49 -60.72
CA SER B 121 12.69 -41.92 -60.89
C SER B 121 11.87 -42.20 -62.16
N SER B 122 12.07 -43.36 -62.78
CA SER B 122 11.30 -43.73 -63.97
C SER B 122 9.78 -43.74 -63.66
N GLU B 123 9.41 -44.15 -62.43
CA GLU B 123 8.02 -44.21 -61.97
C GLU B 123 7.36 -42.83 -62.01
N GLN B 124 8.05 -41.81 -61.53
CA GLN B 124 7.51 -40.46 -61.58
C GLN B 124 7.43 -39.97 -63.01
N LEU B 125 8.44 -40.28 -63.83
CA LEU B 125 8.44 -39.86 -65.23
C LEU B 125 7.26 -40.46 -65.99
N THR B 126 7.02 -41.78 -65.83
CA THR B 126 5.88 -42.43 -66.44
C THR B 126 4.55 -41.95 -65.86
N SER B 127 4.57 -41.26 -64.72
CA SER B 127 3.37 -40.65 -64.15
C SER B 127 3.16 -39.20 -64.67
N GLY B 128 4.04 -38.73 -65.56
CA GLY B 128 3.99 -37.39 -66.14
C GLY B 128 4.68 -36.30 -65.34
N GLY B 129 5.30 -36.67 -64.23
CA GLY B 129 6.01 -35.70 -63.38
C GLY B 129 7.52 -35.86 -63.43
N ALA B 130 8.25 -34.91 -62.83
CA ALA B 130 9.71 -34.99 -62.80
C ALA B 130 10.28 -34.11 -61.70
N SER B 131 10.76 -34.70 -60.61
CA SER B 131 11.32 -33.95 -59.49
C SER B 131 12.75 -34.37 -59.33
N VAL B 132 13.63 -33.38 -59.20
CA VAL B 132 15.05 -33.62 -59.01
C VAL B 132 15.34 -33.24 -57.58
N VAL B 133 15.72 -34.22 -56.77
CA VAL B 133 15.98 -34.01 -55.36
C VAL B 133 17.48 -33.93 -55.13
N CYS B 134 17.91 -33.00 -54.30
CA CYS B 134 19.30 -32.85 -53.94
C CYS B 134 19.33 -32.76 -52.41
N PHE B 135 20.09 -33.63 -51.75
CA PHE B 135 20.23 -33.62 -50.30
C PHE B 135 21.52 -32.93 -49.89
N LEU B 136 21.48 -32.19 -48.77
CA LEU B 136 22.63 -31.48 -48.20
C LEU B 136 22.68 -31.91 -46.76
N ASN B 137 23.43 -32.95 -46.45
CA ASN B 137 23.41 -33.59 -45.15
C ASN B 137 24.57 -33.30 -44.21
N ASN B 138 24.24 -33.23 -42.92
CA ASN B 138 25.16 -33.13 -41.81
C ASN B 138 26.17 -32.02 -41.95
N PHE B 139 25.70 -30.80 -41.79
CA PHE B 139 26.53 -29.61 -41.83
C PHE B 139 26.28 -28.74 -40.60
N TYR B 140 27.13 -27.76 -40.38
CA TYR B 140 27.03 -26.85 -39.25
C TYR B 140 27.89 -25.63 -39.59
N PRO B 141 27.44 -24.39 -39.34
CA PRO B 141 26.13 -23.99 -38.78
C PRO B 141 24.94 -24.14 -39.73
N LYS B 142 23.74 -23.79 -39.27
CA LYS B 142 22.51 -23.91 -40.02
C LYS B 142 22.48 -23.17 -41.35
N ASP B 143 23.29 -22.12 -41.51
CA ASP B 143 23.24 -21.29 -42.71
C ASP B 143 23.85 -21.93 -43.96
N ILE B 144 23.08 -21.90 -45.07
CA ILE B 144 23.47 -22.49 -46.35
C ILE B 144 22.60 -21.95 -47.48
N ASN B 145 23.11 -22.02 -48.71
CA ASN B 145 22.36 -21.63 -49.91
C ASN B 145 22.43 -22.73 -50.94
N VAL B 146 21.37 -22.86 -51.75
CA VAL B 146 21.37 -23.82 -52.85
C VAL B 146 21.04 -23.15 -54.16
N LYS B 147 21.84 -23.40 -55.17
CA LYS B 147 21.61 -22.81 -56.49
C LYS B 147 21.40 -23.93 -57.47
N TRP B 148 20.28 -23.91 -58.18
CA TRP B 148 19.97 -24.94 -59.15
C TRP B 148 20.31 -24.49 -60.56
N LYS B 149 21.17 -25.25 -61.26
CA LYS B 149 21.55 -24.95 -62.63
C LYS B 149 21.03 -25.99 -63.62
N ILE B 150 20.42 -25.53 -64.70
CA ILE B 150 19.97 -26.42 -65.76
C ILE B 150 20.72 -25.98 -67.00
N ASP B 151 21.65 -26.85 -67.47
CA ASP B 151 22.51 -26.58 -68.62
C ASP B 151 23.31 -25.30 -68.40
N GLY B 152 23.73 -25.06 -67.16
CA GLY B 152 24.49 -23.87 -66.82
C GLY B 152 23.66 -22.67 -66.42
N SER B 153 22.45 -22.53 -67.00
CA SER B 153 21.57 -21.40 -66.70
C SER B 153 20.91 -21.57 -65.32
N GLU B 154 20.75 -20.48 -64.55
CA GLU B 154 20.15 -20.57 -63.23
C GLU B 154 18.67 -20.97 -63.26
N ARG B 155 18.12 -21.36 -62.11
CA ARG B 155 16.73 -21.80 -61.98
C ARG B 155 16.23 -21.52 -60.56
N GLN B 156 14.94 -21.16 -60.43
CA GLN B 156 14.39 -20.82 -59.12
C GLN B 156 12.88 -21.06 -58.95
N ASN B 157 12.12 -21.28 -60.04
CA ASN B 157 10.67 -21.38 -59.89
C ASN B 157 10.14 -22.66 -59.23
N GLY B 158 10.59 -23.82 -59.68
CA GLY B 158 10.08 -25.08 -59.12
C GLY B 158 10.75 -25.55 -57.85
N VAL B 159 11.67 -24.74 -57.30
CA VAL B 159 12.46 -25.12 -56.12
C VAL B 159 11.74 -24.95 -54.80
N LEU B 160 11.94 -25.88 -53.86
CA LEU B 160 11.38 -25.76 -52.52
C LEU B 160 12.24 -26.53 -51.50
N ASN B 161 12.68 -25.80 -50.48
CA ASN B 161 13.59 -26.30 -49.49
C ASN B 161 12.90 -26.77 -48.22
N SER B 162 13.60 -27.61 -47.43
CA SER B 162 13.08 -28.11 -46.16
C SER B 162 14.26 -28.38 -45.27
N TRP B 163 14.28 -27.78 -44.07
CA TRP B 163 15.40 -27.90 -43.15
C TRP B 163 15.05 -28.70 -41.92
N THR B 164 15.99 -29.51 -41.44
CA THR B 164 15.79 -30.28 -40.21
C THR B 164 16.24 -29.42 -39.02
N ASP B 165 15.93 -29.86 -37.80
CA ASP B 165 16.46 -29.22 -36.61
C ASP B 165 17.67 -30.06 -36.22
N GLN B 166 18.52 -29.54 -35.31
CA GLN B 166 19.72 -30.24 -34.86
C GLN B 166 19.54 -31.73 -34.62
N ASP B 167 20.40 -32.55 -35.23
CA ASP B 167 20.33 -34.00 -35.11
C ASP B 167 20.64 -34.45 -33.69
N SER B 168 19.99 -35.51 -33.25
CA SER B 168 20.14 -36.00 -31.87
C SER B 168 21.53 -36.48 -31.49
N LYS B 169 22.26 -37.07 -32.46
CA LYS B 169 23.60 -37.59 -32.22
C LYS B 169 24.69 -36.61 -32.65
N ASP B 170 24.63 -36.13 -33.89
CA ASP B 170 25.64 -35.27 -34.48
C ASP B 170 25.58 -33.84 -34.05
N SER B 171 24.41 -33.34 -33.65
CA SER B 171 24.22 -31.91 -33.42
C SER B 171 24.38 -31.09 -34.73
N THR B 172 24.16 -31.73 -35.90
CA THR B 172 24.27 -31.09 -37.21
C THR B 172 22.89 -30.80 -37.83
N TYR B 173 22.86 -30.09 -38.97
CA TYR B 173 21.65 -29.83 -39.73
C TYR B 173 21.72 -30.48 -41.12
N SER B 174 20.58 -30.69 -41.71
CA SER B 174 20.46 -31.22 -43.06
C SER B 174 19.35 -30.48 -43.74
N MET B 175 19.37 -30.46 -45.05
CA MET B 175 18.38 -29.80 -45.86
C MET B 175 18.13 -30.61 -47.13
N SER B 176 16.92 -30.53 -47.66
CA SER B 176 16.58 -31.16 -48.91
C SER B 176 16.02 -30.05 -49.77
N SER B 177 16.47 -29.98 -51.01
CA SER B 177 15.98 -28.99 -51.96
C SER B 177 15.60 -29.73 -53.19
N THR B 178 14.33 -29.66 -53.58
CA THR B 178 13.87 -30.39 -54.76
C THR B 178 13.32 -29.40 -55.79
N LEU B 179 13.56 -29.69 -57.05
CA LEU B 179 13.09 -28.87 -58.14
C LEU B 179 12.10 -29.73 -58.91
N THR B 180 10.82 -29.33 -58.87
CA THR B 180 9.77 -30.10 -59.54
C THR B 180 9.34 -29.42 -60.84
N LEU B 181 9.26 -30.19 -61.92
CA LEU B 181 8.88 -29.71 -63.24
C LEU B 181 7.91 -30.70 -63.89
N THR B 182 7.43 -30.34 -65.08
CA THR B 182 6.65 -31.23 -65.94
C THR B 182 7.65 -32.29 -66.47
N LYS B 183 7.13 -33.41 -66.98
CA LYS B 183 7.97 -34.42 -67.61
C LYS B 183 8.66 -33.83 -68.84
N ASP B 184 7.93 -33.02 -69.60
CA ASP B 184 8.39 -32.47 -70.87
C ASP B 184 9.45 -31.38 -70.73
N GLU B 185 9.45 -30.61 -69.62
CA GLU B 185 10.51 -29.61 -69.41
C GLU B 185 11.82 -30.31 -69.09
N TYR B 186 11.75 -31.41 -68.30
CA TYR B 186 12.89 -32.21 -67.91
C TYR B 186 13.52 -32.88 -69.11
N GLU B 187 12.69 -33.41 -70.01
CA GLU B 187 13.19 -34.08 -71.21
C GLU B 187 13.72 -33.12 -72.28
N ARG B 188 13.53 -31.80 -72.10
CA ARG B 188 14.03 -30.77 -73.01
C ARG B 188 15.43 -30.27 -72.63
N HIS B 189 16.04 -30.80 -71.56
CA HIS B 189 17.34 -30.33 -71.07
C HIS B 189 18.28 -31.45 -70.69
N ASN B 190 19.59 -31.20 -70.73
CA ASN B 190 20.57 -32.25 -70.48
C ASN B 190 21.18 -32.25 -69.06
N SER B 191 22.16 -31.37 -68.76
CA SER B 191 22.81 -31.38 -67.46
C SER B 191 21.99 -30.66 -66.38
N TYR B 192 21.99 -31.21 -65.16
CA TYR B 192 21.27 -30.64 -64.03
C TYR B 192 22.21 -30.55 -62.85
N THR B 193 22.23 -29.40 -62.12
CA THR B 193 23.17 -29.24 -61.02
C THR B 193 22.57 -28.58 -59.81
N CYS B 194 23.01 -28.98 -58.62
CA CYS B 194 22.67 -28.27 -57.39
C CYS B 194 23.99 -27.80 -56.74
N GLU B 195 24.06 -26.51 -56.42
CA GLU B 195 25.25 -25.89 -55.84
C GLU B 195 25.01 -25.52 -54.39
N ALA B 196 25.90 -25.94 -53.50
CA ALA B 196 25.77 -25.64 -52.08
C ALA B 196 26.85 -24.69 -51.63
N THR B 197 26.46 -23.58 -51.00
CA THR B 197 27.42 -22.64 -50.44
C THR B 197 27.32 -22.62 -48.91
N HIS B 198 28.45 -22.77 -48.24
CA HIS B 198 28.50 -22.84 -46.80
C HIS B 198 29.71 -22.02 -46.26
N LYS B 199 29.81 -21.88 -44.93
CA LYS B 199 30.93 -21.20 -44.28
C LYS B 199 32.24 -21.93 -44.64
N THR B 200 32.24 -23.26 -44.58
CA THR B 200 33.41 -24.06 -44.91
C THR B 200 33.81 -23.86 -46.38
N SER B 201 32.81 -23.84 -47.24
CA SER B 201 33.02 -23.74 -48.68
C SER B 201 33.44 -22.37 -49.10
N THR B 202 34.75 -22.16 -49.16
CA THR B 202 35.31 -20.93 -49.74
C THR B 202 34.90 -20.84 -51.25
N SER B 203 34.52 -21.99 -51.86
CA SER B 203 34.04 -22.19 -53.22
C SER B 203 32.88 -23.22 -53.13
N PRO B 204 31.76 -22.98 -53.86
CA PRO B 204 30.61 -23.89 -53.79
C PRO B 204 30.87 -25.36 -54.07
N ILE B 205 29.98 -26.22 -53.55
CA ILE B 205 30.05 -27.67 -53.73
C ILE B 205 29.00 -28.05 -54.74
N VAL B 206 29.42 -28.64 -55.86
CA VAL B 206 28.49 -28.92 -56.94
C VAL B 206 28.33 -30.41 -57.23
N LYS B 207 27.07 -30.85 -57.27
CA LYS B 207 26.73 -32.20 -57.62
C LYS B 207 25.76 -32.10 -58.78
N SER B 208 26.11 -32.74 -59.89
CA SER B 208 25.29 -32.69 -61.08
C SER B 208 25.11 -34.07 -61.74
N PHE B 209 24.27 -34.14 -62.74
CA PHE B 209 24.05 -35.36 -63.49
C PHE B 209 23.61 -35.04 -64.90
N ASN B 210 23.89 -35.96 -65.85
N ASN B 210 23.89 -35.96 -65.83
CA ASN B 210 23.43 -35.77 -67.22
CA ASN B 210 23.47 -35.78 -67.21
C ASN B 210 22.14 -36.59 -67.38
C ASN B 210 22.18 -36.61 -67.42
N ARG B 211 21.15 -36.01 -68.05
CA ARG B 211 19.87 -36.70 -68.26
C ARG B 211 20.01 -37.96 -69.13
N ASN B 212 21.01 -37.97 -70.03
CA ASN B 212 21.28 -39.10 -70.93
C ASN B 212 22.09 -40.20 -70.27
N GLU B 213 22.72 -39.94 -69.14
CA GLU B 213 23.52 -40.94 -68.45
C GLU B 213 22.72 -41.69 -67.41
N CYS B 214 23.02 -42.97 -67.27
CA CYS B 214 22.35 -43.88 -66.35
C CYS B 214 22.30 -43.35 -64.92
N MET C 21 -14.90 64.55 29.12
CA MET C 21 -14.66 63.37 29.93
C MET C 21 -13.18 62.96 29.80
N GLU C 22 -12.34 63.34 30.78
CA GLU C 22 -10.92 62.97 30.72
C GLU C 22 -10.74 61.47 30.93
N VAL C 23 -9.78 60.89 30.20
CA VAL C 23 -9.47 59.47 30.24
C VAL C 23 -8.12 59.28 30.89
N ARG C 24 -8.11 58.66 32.07
CA ARG C 24 -6.87 58.45 32.81
C ARG C 24 -6.28 57.08 32.56
N TRP C 25 -5.35 56.99 31.64
CA TRP C 25 -4.67 55.76 31.32
C TRP C 25 -3.74 55.35 32.46
N CYS C 26 -3.61 54.03 32.69
CA CYS C 26 -2.75 53.52 33.73
C CYS C 26 -1.42 53.02 33.17
N ALA C 27 -0.32 53.38 33.83
CA ALA C 27 1.01 52.98 33.44
C ALA C 27 1.60 52.05 34.48
N THR C 28 2.40 51.08 34.04
CA THR C 28 2.99 50.05 34.90
C THR C 28 4.47 50.25 35.20
N SER C 29 5.11 51.27 34.59
CA SER C 29 6.52 51.59 34.78
C SER C 29 6.78 53.08 34.54
N ASP C 30 7.96 53.57 34.96
CA ASP C 30 8.33 54.95 34.71
C ASP C 30 8.45 55.27 33.22
N PRO C 31 9.16 54.46 32.39
CA PRO C 31 9.17 54.76 30.94
C PRO C 31 7.79 54.65 30.31
N GLU C 32 6.88 53.80 30.84
CA GLU C 32 5.52 53.72 30.31
C GLU C 32 4.76 55.00 30.61
N GLN C 33 5.01 55.60 31.79
CA GLN C 33 4.41 56.87 32.18
C GLN C 33 4.94 57.99 31.28
N HIS C 34 6.27 58.07 31.08
CA HIS C 34 6.90 59.07 30.22
C HIS C 34 6.36 59.04 28.78
N LYS C 35 6.15 57.83 28.22
CA LYS C 35 5.57 57.72 26.89
C LYS C 35 4.16 58.24 26.87
N CYS C 36 3.41 57.91 27.90
CA CYS C 36 2.04 58.34 28.02
C CYS C 36 1.96 59.88 28.18
N GLY C 37 2.87 60.44 28.97
CA GLY C 37 2.98 61.88 29.16
C GLY C 37 3.34 62.62 27.89
N ASN C 38 4.24 62.05 27.07
CA ASN C 38 4.61 62.63 25.78
C ASN C 38 3.50 62.48 24.77
N MET C 39 2.73 61.39 24.84
CA MET C 39 1.59 61.17 23.95
C MET C 39 0.44 62.10 24.30
N SER C 40 0.21 62.34 25.60
CA SER C 40 -0.85 63.26 26.02
C SER C 40 -0.63 64.64 25.43
N GLU C 41 0.59 65.19 25.56
CA GLU C 41 0.90 66.51 25.02
C GLU C 41 0.87 66.54 23.51
N ALA C 42 1.25 65.43 22.87
CA ALA C 42 1.14 65.33 21.42
C ALA C 42 -0.33 65.35 21.01
N PHE C 43 -1.21 64.77 21.82
CA PHE C 43 -2.64 64.73 21.57
C PHE C 43 -3.26 66.13 21.65
N ARG C 44 -3.09 66.84 22.80
CA ARG C 44 -3.70 68.15 22.99
C ARG C 44 -3.20 69.20 22.02
N GLU C 45 -1.93 69.11 21.61
CA GLU C 45 -1.39 70.05 20.63
C GLU C 45 -2.11 69.90 19.29
N ALA C 46 -2.50 68.68 18.94
CA ALA C 46 -3.30 68.45 17.75
C ALA C 46 -4.83 68.61 18.03
N GLY C 47 -5.19 69.19 19.18
CA GLY C 47 -6.55 69.47 19.58
C GLY C 47 -7.42 68.25 19.75
N ILE C 48 -6.84 67.11 20.12
CA ILE C 48 -7.61 65.90 20.32
C ILE C 48 -8.40 65.95 21.63
N GLN C 49 -9.71 65.63 21.54
CA GLN C 49 -10.61 65.59 22.69
C GLN C 49 -11.17 64.19 22.85
N PRO C 50 -11.31 63.70 24.10
CA PRO C 50 -11.05 64.41 25.37
C PRO C 50 -9.56 64.45 25.78
N SER C 51 -9.29 64.87 27.02
CA SER C 51 -7.93 64.94 27.54
C SER C 51 -7.41 63.54 27.92
N LEU C 52 -6.09 63.42 28.13
CA LEU C 52 -5.45 62.14 28.46
C LEU C 52 -4.51 62.35 29.65
N LEU C 53 -4.73 61.62 30.74
CA LEU C 53 -3.85 61.70 31.91
C LEU C 53 -3.28 60.32 32.20
N CYS C 54 -2.13 60.25 32.89
CA CYS C 54 -1.45 58.97 33.08
C CYS C 54 -1.15 58.66 34.51
N VAL C 55 -2.09 57.96 35.15
CA VAL C 55 -1.94 57.48 36.52
C VAL C 55 -0.94 56.34 36.53
N ARG C 56 -0.03 56.34 37.49
CA ARG C 56 1.01 55.33 37.59
C ARG C 56 0.63 54.26 38.60
N GLY C 57 0.85 53.00 38.23
CA GLY C 57 0.61 51.84 39.06
C GLY C 57 1.86 51.01 39.23
N THR C 58 1.85 50.12 40.21
CA THR C 58 2.98 49.24 40.52
C THR C 58 3.05 48.02 39.55
N SER C 59 1.89 47.60 39.01
CA SER C 59 1.77 46.45 38.14
C SER C 59 0.52 46.56 37.26
N ALA C 60 0.33 45.59 36.35
CA ALA C 60 -0.86 45.57 35.50
C ALA C 60 -2.06 45.18 36.34
N ASP C 61 -1.90 44.23 37.27
CA ASP C 61 -3.00 43.81 38.14
C ASP C 61 -3.35 44.86 39.18
N HIS C 62 -2.36 45.67 39.60
CA HIS C 62 -2.63 46.78 40.52
C HIS C 62 -3.53 47.81 39.79
N CYS C 63 -3.20 48.11 38.55
CA CYS C 63 -3.93 49.07 37.75
C CYS C 63 -5.37 48.68 37.54
N VAL C 64 -5.67 47.37 37.40
CA VAL C 64 -7.06 46.95 37.23
C VAL C 64 -7.87 47.25 38.50
N GLN C 65 -7.23 47.20 39.69
CA GLN C 65 -7.87 47.57 40.94
C GLN C 65 -8.04 49.07 40.98
N LEU C 66 -7.08 49.84 40.45
CA LEU C 66 -7.22 51.28 40.33
C LEU C 66 -8.41 51.63 39.46
N ILE C 67 -8.60 50.91 38.36
CA ILE C 67 -9.74 51.12 37.50
C ILE C 67 -11.03 50.79 38.25
N ALA C 68 -11.04 49.64 38.96
CA ALA C 68 -12.18 49.27 39.80
C ALA C 68 -12.48 50.37 40.86
N ALA C 69 -11.43 50.93 41.47
CA ALA C 69 -11.52 52.01 42.46
C ALA C 69 -11.79 53.39 41.85
N GLN C 70 -12.14 53.47 40.55
CA GLN C 70 -12.38 54.73 39.84
C GLN C 70 -11.21 55.72 39.91
N GLU C 71 -10.01 55.23 40.29
CA GLU C 71 -8.79 56.04 40.35
C GLU C 71 -8.11 56.15 38.95
N ALA C 72 -8.37 55.19 38.06
CA ALA C 72 -7.90 55.20 36.68
C ALA C 72 -9.07 54.74 35.78
N ASP C 73 -8.92 54.89 34.45
CA ASP C 73 -9.99 54.61 33.52
C ASP C 73 -9.72 53.49 32.52
N ALA C 74 -8.49 53.41 31.95
CA ALA C 74 -8.18 52.42 30.92
C ALA C 74 -6.79 51.78 31.04
N ILE C 75 -6.59 50.62 30.40
CA ILE C 75 -5.32 49.87 30.36
C ILE C 75 -5.38 48.82 29.24
N THR C 76 -4.25 48.49 28.58
CA THR C 76 -4.23 47.44 27.56
C THR C 76 -3.72 46.17 28.21
N LEU C 77 -4.44 45.06 28.06
CA LEU C 77 -4.11 43.82 28.76
C LEU C 77 -3.97 42.61 27.87
N ASP C 78 -3.24 41.62 28.36
CA ASP C 78 -3.09 40.34 27.70
C ASP C 78 -4.37 39.52 27.91
N GLY C 79 -4.63 38.54 27.03
CA GLY C 79 -5.79 37.66 27.17
C GLY C 79 -6.05 37.09 28.54
N GLY C 80 -5.06 36.42 29.14
CA GLY C 80 -5.20 35.89 30.49
C GLY C 80 -5.48 36.95 31.52
N ALA C 81 -5.00 38.18 31.30
CA ALA C 81 -5.24 39.33 32.18
C ALA C 81 -6.63 39.91 31.94
N ILE C 82 -7.11 39.91 30.67
CA ILE C 82 -8.46 40.34 30.33
C ILE C 82 -9.47 39.37 30.97
N TYR C 83 -9.12 38.07 31.02
CA TYR C 83 -9.91 37.04 31.65
C TYR C 83 -10.11 37.37 33.13
N GLU C 84 -9.02 37.47 33.90
CA GLU C 84 -9.11 37.73 35.34
C GLU C 84 -9.66 39.11 35.68
N ALA C 85 -9.39 40.09 34.82
CA ALA C 85 -9.92 41.43 35.03
C ALA C 85 -11.42 41.43 34.79
N GLY C 86 -11.89 40.65 33.82
CA GLY C 86 -13.31 40.56 33.52
C GLY C 86 -14.09 39.70 34.51
N LYS C 87 -13.41 38.76 35.19
CA LYS C 87 -14.06 37.91 36.17
C LYS C 87 -14.01 38.53 37.57
N GLU C 88 -12.85 38.49 38.21
CA GLU C 88 -12.69 38.95 39.59
C GLU C 88 -12.78 40.48 39.77
N HIS C 89 -13.00 41.24 38.70
CA HIS C 89 -13.13 42.71 38.82
C HIS C 89 -14.16 43.33 37.84
N GLY C 90 -14.64 42.52 36.89
CA GLY C 90 -15.68 42.85 35.94
C GLY C 90 -15.46 44.05 35.05
N LEU C 91 -14.32 44.11 34.35
CA LEU C 91 -14.05 45.18 33.38
C LEU C 91 -14.17 44.59 31.97
N LYS C 92 -14.50 45.45 31.01
CA LYS C 92 -14.76 45.02 29.65
C LYS C 92 -13.72 45.42 28.63
N PRO C 93 -13.43 44.53 27.66
CA PRO C 93 -12.48 44.89 26.61
C PRO C 93 -13.18 45.75 25.55
N VAL C 94 -12.82 47.03 25.49
CA VAL C 94 -13.42 47.97 24.57
C VAL C 94 -12.72 48.03 23.20
N VAL C 95 -11.39 48.23 23.19
CA VAL C 95 -10.62 48.36 21.94
C VAL C 95 -9.53 47.29 21.89
N GLY C 96 -9.30 46.69 20.73
CA GLY C 96 -8.30 45.65 20.59
C GLY C 96 -7.19 45.98 19.62
N GLU C 97 -6.13 45.18 19.60
CA GLU C 97 -4.98 45.42 18.75
C GLU C 97 -4.99 44.56 17.50
N VAL C 98 -4.48 45.10 16.39
CA VAL C 98 -4.34 44.38 15.13
C VAL C 98 -2.88 44.37 14.83
N TYR C 99 -2.22 43.23 14.98
CA TYR C 99 -0.78 43.14 14.77
C TYR C 99 -0.40 43.21 13.29
N ASP C 100 -0.93 42.30 12.50
CA ASP C 100 -0.68 42.24 11.06
C ASP C 100 -2.01 42.27 10.35
N GLN C 101 -2.01 42.64 9.06
CA GLN C 101 -3.23 42.48 8.26
C GLN C 101 -3.48 40.96 8.02
N GLU C 102 -2.39 40.15 8.09
CA GLU C 102 -2.36 38.71 7.96
C GLU C 102 -3.00 38.06 9.20
N VAL C 103 -2.35 38.14 10.39
CA VAL C 103 -2.88 37.52 11.60
C VAL C 103 -4.07 38.25 12.21
N GLY C 104 -4.28 39.51 11.83
CA GLY C 104 -5.38 40.31 12.32
C GLY C 104 -5.34 40.52 13.82
N THR C 105 -6.52 40.45 14.46
CA THR C 105 -6.64 40.59 15.91
C THR C 105 -6.38 39.24 16.59
N SER C 106 -5.20 38.69 16.37
CA SER C 106 -4.78 37.45 16.97
C SER C 106 -3.27 37.28 16.79
N TYR C 107 -2.69 36.32 17.49
CA TYR C 107 -1.29 36.01 17.38
C TYR C 107 -1.05 34.54 17.74
N TYR C 108 0.12 34.05 17.43
CA TYR C 108 0.47 32.66 17.60
C TYR C 108 1.49 32.47 18.71
N ALA C 109 1.24 31.53 19.61
CA ALA C 109 2.14 31.22 20.71
C ALA C 109 3.23 30.27 20.27
N VAL C 110 4.42 30.41 20.82
CA VAL C 110 5.55 29.58 20.46
C VAL C 110 6.40 29.25 21.67
N ALA C 111 7.19 28.18 21.56
CA ALA C 111 8.18 27.81 22.56
C ALA C 111 9.49 27.87 21.81
N VAL C 112 10.46 28.61 22.35
CA VAL C 112 11.72 28.86 21.70
C VAL C 112 12.88 28.38 22.53
N VAL C 113 13.92 27.84 21.86
CA VAL C 113 15.17 27.40 22.47
C VAL C 113 16.33 27.73 21.53
N ARG C 114 17.54 27.86 22.09
CA ARG C 114 18.77 28.10 21.34
C ARG C 114 19.05 27.01 20.29
N ARG C 115 20.01 27.27 19.38
CA ARG C 115 20.47 26.25 18.45
C ARG C 115 21.31 25.20 19.20
N SER C 116 22.06 25.64 20.24
CA SER C 116 22.93 24.81 21.08
C SER C 116 22.18 23.90 22.07
N SER C 117 21.03 23.32 21.67
CA SER C 117 20.27 22.44 22.57
C SER C 117 19.46 21.40 21.81
N HIS C 118 19.26 20.22 22.43
CA HIS C 118 18.49 19.14 21.82
C HIS C 118 17.04 19.04 22.32
N VAL C 119 16.62 19.99 23.14
CA VAL C 119 15.29 20.06 23.68
C VAL C 119 14.24 20.16 22.58
N THR C 120 13.48 19.10 22.35
CA THR C 120 12.35 19.16 21.43
C THR C 120 11.09 19.30 22.33
N ILE C 121 9.91 19.39 21.73
CA ILE C 121 8.69 19.60 22.49
C ILE C 121 8.45 18.59 23.60
N ASP C 122 8.60 17.30 23.31
CA ASP C 122 8.29 16.27 24.28
C ASP C 122 9.49 15.83 25.12
N THR C 123 10.47 16.72 25.38
CA THR C 123 11.64 16.35 26.19
C THR C 123 11.93 17.45 27.21
N LEU C 124 10.86 18.06 27.80
CA LEU C 124 11.01 19.19 28.71
C LEU C 124 11.13 18.88 30.19
N LYS C 125 11.26 17.60 30.59
CA LYS C 125 11.35 17.30 32.02
C LYS C 125 12.69 17.67 32.56
N GLY C 126 12.68 18.40 33.68
CA GLY C 126 13.91 18.89 34.29
C GLY C 126 14.59 19.99 33.49
N VAL C 127 13.85 20.63 32.58
CA VAL C 127 14.33 21.70 31.72
C VAL C 127 14.06 23.06 32.38
N LYS C 128 15.04 23.95 32.33
CA LYS C 128 14.89 25.30 32.88
C LYS C 128 14.02 26.13 31.92
N SER C 129 12.94 26.74 32.44
CA SER C 129 12.00 27.50 31.62
C SER C 129 11.84 28.98 32.00
N CYS C 130 11.42 29.79 31.02
CA CYS C 130 11.18 31.21 31.18
C CYS C 130 9.76 31.46 30.70
N HIS C 131 8.95 32.11 31.53
CA HIS C 131 7.57 32.43 31.17
C HIS C 131 7.32 33.94 31.24
N THR C 132 6.32 34.42 30.47
CA THR C 132 5.99 35.84 30.46
C THR C 132 5.35 36.25 31.79
N GLY C 133 4.42 35.43 32.26
CA GLY C 133 3.75 35.68 33.52
C GLY C 133 2.72 34.63 33.85
N ILE C 134 2.39 34.49 35.13
CA ILE C 134 1.37 33.53 35.57
C ILE C 134 -0.01 34.01 35.10
N ASN C 135 -0.93 33.06 34.85
CA ASN C 135 -2.28 33.33 34.33
C ASN C 135 -2.21 34.31 33.12
N ARG C 136 -1.22 34.08 32.25
CA ARG C 136 -0.97 34.91 31.09
C ARG C 136 -0.98 34.02 29.84
N THR C 137 -1.51 34.53 28.74
CA THR C 137 -1.78 33.81 27.51
C THR C 137 -0.62 32.94 26.94
N VAL C 138 0.46 33.55 26.49
CA VAL C 138 1.52 32.84 25.77
C VAL C 138 2.57 32.22 26.67
N GLY C 139 2.76 32.77 27.85
CA GLY C 139 3.78 32.26 28.74
C GLY C 139 3.28 31.29 29.77
N TRP C 140 1.96 31.02 29.82
CA TRP C 140 1.42 30.14 30.84
C TRP C 140 0.16 29.38 30.43
N ASN C 141 -0.92 30.08 30.08
CA ASN C 141 -2.17 29.44 29.72
C ASN C 141 -2.03 28.48 28.56
N VAL C 142 -1.51 28.94 27.44
CA VAL C 142 -1.35 28.13 26.26
C VAL C 142 -0.27 27.05 26.46
N PRO C 143 0.94 27.35 26.96
CA PRO C 143 1.96 26.31 27.11
C PRO C 143 1.52 25.22 28.05
N VAL C 144 0.94 25.58 29.20
CA VAL C 144 0.53 24.60 30.18
C VAL C 144 -0.77 23.91 29.77
N GLY C 145 -1.70 24.66 29.22
CA GLY C 145 -2.96 24.10 28.73
C GLY C 145 -2.75 23.06 27.64
N TYR C 146 -1.70 23.21 26.85
CA TYR C 146 -1.37 22.25 25.80
C TYR C 146 -0.63 21.06 26.38
N LEU C 147 0.25 21.29 27.35
CA LEU C 147 1.04 20.22 27.93
C LEU C 147 0.23 19.14 28.60
N VAL C 148 -0.95 19.49 29.13
CA VAL C 148 -1.77 18.47 29.77
C VAL C 148 -2.35 17.51 28.71
N GLU C 149 -2.67 18.00 27.49
CA GLU C 149 -3.13 17.09 26.45
C GLU C 149 -1.96 16.45 25.73
N SER C 150 -1.24 17.20 24.86
CA SER C 150 -0.21 16.67 23.93
C SER C 150 1.28 16.86 24.28
N GLY C 151 1.58 16.92 25.55
CA GLY C 151 2.97 16.94 26.03
C GLY C 151 3.14 16.03 27.24
N ARG C 152 1.99 15.61 27.79
CA ARG C 152 1.83 14.75 28.93
C ARG C 152 2.37 15.34 30.19
N LEU C 153 1.50 16.12 30.81
CA LEU C 153 1.65 16.62 32.14
C LEU C 153 0.29 16.35 32.76
N SER C 154 0.26 15.53 33.82
CA SER C 154 -1.00 15.22 34.49
C SER C 154 -1.10 16.05 35.77
N VAL C 155 -2.32 16.50 36.04
CA VAL C 155 -2.57 17.34 37.20
C VAL C 155 -3.49 16.57 38.12
N MET C 156 -3.07 16.39 39.39
CA MET C 156 -3.85 15.62 40.33
C MET C 156 -4.48 16.50 41.36
N GLY C 157 -5.80 16.42 41.47
CA GLY C 157 -6.52 17.18 42.47
C GLY C 157 -6.46 18.68 42.27
N CYS C 158 -6.37 19.10 41.00
CA CYS C 158 -6.43 20.50 40.58
C CYS C 158 -5.23 21.35 40.90
N ASP C 159 -4.15 20.76 41.37
CA ASP C 159 -2.97 21.52 41.72
C ASP C 159 -2.05 21.64 40.55
N VAL C 160 -2.32 22.65 39.72
CA VAL C 160 -1.50 22.91 38.55
C VAL C 160 -0.14 23.39 38.95
N LEU C 161 -0.04 24.17 40.03
CA LEU C 161 1.24 24.70 40.48
C LEU C 161 2.22 23.64 40.90
N LYS C 162 1.73 22.56 41.51
CA LYS C 162 2.60 21.46 41.90
C LYS C 162 3.11 20.76 40.64
N ALA C 163 2.23 20.56 39.65
CA ALA C 163 2.57 19.87 38.43
C ALA C 163 3.71 20.53 37.65
N VAL C 164 3.63 21.85 37.47
CA VAL C 164 4.63 22.62 36.72
C VAL C 164 5.96 22.77 37.48
N SER C 165 5.89 22.91 38.82
CA SER C 165 7.10 23.03 39.63
C SER C 165 7.92 21.73 39.59
N ASP C 166 7.26 20.58 39.47
CA ASP C 166 7.95 19.30 39.43
C ASP C 166 8.45 18.98 38.01
N TYR C 167 7.65 19.33 36.97
CA TYR C 167 8.03 19.08 35.58
C TYR C 167 9.35 19.80 35.24
N PHE C 168 9.33 21.13 35.17
CA PHE C 168 10.51 21.91 34.84
C PHE C 168 11.47 21.99 36.00
N GLY C 169 12.76 21.82 35.70
CA GLY C 169 13.87 21.88 36.65
C GLY C 169 13.83 23.16 37.47
N GLY C 170 13.82 24.28 36.77
CA GLY C 170 13.69 25.60 37.39
C GLY C 170 12.92 26.52 36.46
N SER C 171 12.22 27.53 37.01
CA SER C 171 11.45 28.43 36.16
C SER C 171 11.45 29.88 36.63
N CYS C 172 11.23 30.80 35.70
CA CYS C 172 10.99 32.19 36.03
C CYS C 172 9.57 32.48 35.61
N VAL C 173 8.68 32.57 36.59
CA VAL C 173 7.29 32.85 36.34
C VAL C 173 6.90 34.07 37.16
N PRO C 174 7.01 35.28 36.59
CA PRO C 174 6.58 36.48 37.33
C PRO C 174 5.11 36.40 37.75
N GLY C 175 4.84 36.82 38.98
CA GLY C 175 3.51 36.79 39.55
C GLY C 175 3.24 35.66 40.51
N ALA C 176 4.17 34.69 40.60
CA ALA C 176 4.03 33.53 41.47
C ALA C 176 4.76 33.71 42.79
N GLY C 177 4.79 34.93 43.29
CA GLY C 177 5.50 35.26 44.53
C GLY C 177 4.91 34.65 45.77
N GLU C 178 3.63 34.92 46.04
CA GLU C 178 3.00 34.39 47.27
C GLU C 178 2.36 33.01 47.09
N THR C 179 2.78 32.27 46.06
CA THR C 179 2.31 30.91 45.83
C THR C 179 3.09 29.96 46.75
N SER C 180 2.60 28.73 46.90
CA SER C 180 3.25 27.71 47.73
C SER C 180 4.57 27.26 47.09
N TYR C 181 4.56 27.10 45.77
CA TYR C 181 5.69 26.61 45.02
C TYR C 181 6.59 27.74 44.50
N SER C 182 6.61 28.88 45.21
CA SER C 182 7.37 30.07 44.86
C SER C 182 8.82 29.78 44.59
N GLU C 183 9.46 28.94 45.42
CA GLU C 183 10.87 28.60 45.24
C GLU C 183 11.22 28.14 43.81
N SER C 184 10.49 27.16 43.28
CA SER C 184 10.75 26.65 41.95
C SER C 184 10.33 27.60 40.84
N LEU C 185 9.15 28.20 40.99
CA LEU C 185 8.59 29.07 39.96
C LEU C 185 9.24 30.44 39.87
N CYS C 186 10.00 30.84 40.89
CA CYS C 186 10.73 32.12 40.91
C CYS C 186 12.22 31.91 41.06
N ARG C 187 12.75 30.72 40.72
CA ARG C 187 14.17 30.44 40.92
C ARG C 187 15.03 31.12 39.89
N LEU C 188 14.61 31.15 38.64
CA LEU C 188 15.38 31.79 37.58
C LEU C 188 15.21 33.31 37.48
N CYS C 189 14.23 33.86 38.20
CA CYS C 189 13.94 35.28 38.19
C CYS C 189 15.01 36.09 38.95
N ARG C 190 15.35 37.27 38.42
CA ARG C 190 16.26 38.22 39.07
C ARG C 190 15.51 39.59 39.07
N GLY C 191 15.94 40.53 38.24
CA GLY C 191 15.22 41.76 38.03
C GLY C 191 15.61 42.94 38.88
N ASP C 192 15.74 44.11 38.22
CA ASP C 192 16.10 45.38 38.84
C ASP C 192 17.62 45.45 39.01
N SER C 193 18.14 46.68 38.97
CA SER C 193 19.56 46.98 39.19
C SER C 193 20.06 46.32 40.49
N SER C 194 19.44 46.68 41.61
CA SER C 194 19.75 46.21 42.94
C SER C 194 19.41 44.75 43.21
N GLY C 195 18.55 44.17 42.40
CA GLY C 195 18.08 42.81 42.62
C GLY C 195 16.91 42.81 43.58
N GLU C 196 16.05 43.84 43.49
CA GLU C 196 14.85 43.96 44.30
C GLU C 196 13.62 43.75 43.41
N GLY C 197 12.46 43.52 44.03
CA GLY C 197 11.22 43.29 43.30
C GLY C 197 11.27 42.05 42.41
N VAL C 198 12.03 41.05 42.84
CA VAL C 198 12.21 39.79 42.11
C VAL C 198 10.90 39.02 42.01
N CYS C 199 10.65 38.44 40.83
CA CYS C 199 9.47 37.65 40.52
C CYS C 199 8.16 38.44 40.70
N ASP C 200 8.21 39.74 40.49
CA ASP C 200 7.02 40.58 40.54
C ASP C 200 6.46 40.66 39.11
N LYS C 201 5.13 40.75 38.95
CA LYS C 201 4.51 40.84 37.62
C LYS C 201 4.54 42.31 37.13
N SER C 202 5.74 42.87 37.12
CA SER C 202 6.06 44.24 36.80
C SER C 202 7.18 44.24 35.81
N PRO C 203 7.29 45.30 34.98
CA PRO C 203 8.49 45.43 34.13
C PRO C 203 9.78 45.56 34.97
N LEU C 204 9.64 45.77 36.31
CA LEU C 204 10.70 45.83 37.32
C LEU C 204 11.53 44.54 37.21
N GLU C 205 10.84 43.37 37.27
CA GLU C 205 11.48 42.06 37.09
C GLU C 205 11.99 42.01 35.64
N ARG C 206 13.30 41.94 35.49
CA ARG C 206 13.96 41.98 34.21
C ARG C 206 13.51 40.92 33.23
N TYR C 207 12.96 39.79 33.73
CA TYR C 207 12.52 38.71 32.87
C TYR C 207 11.01 38.61 32.71
N TYR C 208 10.31 39.74 32.85
CA TYR C 208 8.87 39.84 32.75
C TYR C 208 8.42 40.17 31.32
N ASP C 209 7.24 39.66 30.93
CA ASP C 209 6.62 39.87 29.63
C ASP C 209 7.41 39.20 28.49
N TYR C 210 6.95 39.30 27.22
CA TYR C 210 7.63 38.64 26.10
C TYR C 210 9.13 38.96 26.07
N SER C 211 9.45 40.25 26.17
CA SER C 211 10.81 40.80 26.14
C SER C 211 11.70 40.15 27.19
N GLY C 212 11.23 40.12 28.43
CA GLY C 212 11.99 39.56 29.53
C GLY C 212 12.12 38.05 29.49
N ALA C 213 11.05 37.35 29.11
CA ALA C 213 11.08 35.90 29.02
C ALA C 213 12.10 35.47 27.96
N PHE C 214 12.15 36.18 26.82
CA PHE C 214 13.12 35.88 25.79
C PHE C 214 14.54 36.21 26.26
N ARG C 215 14.68 37.29 27.04
CA ARG C 215 15.95 37.68 27.60
C ARG C 215 16.43 36.61 28.58
N CYS C 216 15.52 35.98 29.31
CA CYS C 216 15.83 34.90 30.25
C CYS C 216 16.52 33.74 29.54
N LEU C 217 16.05 33.41 28.35
CA LEU C 217 16.61 32.35 27.52
C LEU C 217 18.01 32.74 27.08
N ALA C 218 18.15 33.93 26.46
CA ALA C 218 19.39 34.42 25.88
C ALA C 218 20.49 34.76 26.90
N GLU C 219 20.14 35.14 28.14
CA GLU C 219 21.14 35.38 29.17
C GLU C 219 21.63 34.09 29.88
N GLY C 220 21.19 32.93 29.37
CA GLY C 220 21.56 31.60 29.84
C GLY C 220 20.79 31.05 31.03
N ALA C 221 20.09 31.91 31.80
CA ALA C 221 19.36 31.47 32.99
C ALA C 221 18.39 30.32 32.72
N GLY C 222 17.67 30.39 31.61
CA GLY C 222 16.72 29.36 31.22
C GLY C 222 17.07 28.74 29.89
N ASP C 223 16.47 27.58 29.61
CA ASP C 223 16.73 26.86 28.37
C ASP C 223 15.57 26.93 27.36
N VAL C 224 14.37 27.31 27.81
CA VAL C 224 13.21 27.43 26.94
C VAL C 224 12.40 28.66 27.33
N ALA C 225 11.71 29.27 26.37
CA ALA C 225 10.90 30.44 26.63
C ALA C 225 9.62 30.38 25.82
N PHE C 226 8.48 30.59 26.47
CA PHE C 226 7.15 30.55 25.86
C PHE C 226 6.76 31.98 25.60
N VAL C 227 6.93 32.44 24.34
CA VAL C 227 6.71 33.81 23.90
C VAL C 227 5.89 33.85 22.58
N LYS C 228 5.61 35.04 22.06
CA LYS C 228 4.88 35.23 20.83
C LYS C 228 5.73 34.75 19.62
N HIS C 229 5.10 34.63 18.46
CA HIS C 229 5.80 34.28 17.24
C HIS C 229 6.74 35.39 16.79
N SER C 230 6.31 36.65 16.98
CA SER C 230 7.07 37.80 16.53
C SER C 230 8.11 38.33 17.49
N THR C 231 8.18 37.83 18.73
CA THR C 231 9.10 38.43 19.71
C THR C 231 10.57 38.16 19.47
N VAL C 232 10.90 37.21 18.60
CA VAL C 232 12.31 36.91 18.33
C VAL C 232 12.86 37.90 17.33
N LEU C 233 12.07 38.24 16.28
CA LEU C 233 12.52 39.26 15.33
C LEU C 233 12.53 40.65 15.99
N GLU C 234 11.61 40.89 16.96
CA GLU C 234 11.48 42.15 17.67
C GLU C 234 12.61 42.43 18.63
N ASN C 235 13.37 41.42 19.04
CA ASN C 235 14.46 41.61 19.99
C ASN C 235 15.83 41.15 19.47
N THR C 236 15.95 40.88 18.18
CA THR C 236 17.20 40.49 17.54
C THR C 236 17.39 41.34 16.25
N ASP C 237 18.46 41.04 15.46
CA ASP C 237 18.73 41.73 14.21
C ASP C 237 18.87 43.23 14.42
N GLY C 238 19.60 43.60 15.47
CA GLY C 238 19.81 45.00 15.80
C GLY C 238 18.69 45.66 16.57
N LYS C 239 17.51 44.99 16.66
CA LYS C 239 16.38 45.49 17.42
C LYS C 239 16.51 45.16 18.92
N THR C 240 17.59 44.45 19.34
CA THR C 240 17.88 44.13 20.74
C THR C 240 17.97 45.42 21.53
N LEU C 241 17.38 45.45 22.73
CA LEU C 241 17.45 46.64 23.57
C LEU C 241 18.90 46.91 23.97
N PRO C 242 19.33 48.18 23.89
CA PRO C 242 20.72 48.48 24.25
C PRO C 242 21.11 48.02 25.66
N SER C 243 20.24 48.25 26.67
CA SER C 243 20.49 47.86 28.06
C SER C 243 20.99 46.42 28.21
N TRP C 244 20.56 45.51 27.32
CA TRP C 244 21.06 44.14 27.36
C TRP C 244 22.38 44.17 26.56
N GLY C 245 23.52 44.39 27.24
CA GLY C 245 24.84 44.45 26.61
C GLY C 245 25.17 43.20 25.82
N GLN C 246 24.70 43.17 24.58
CA GLN C 246 24.72 42.07 23.62
C GLN C 246 24.06 42.61 22.32
N ALA C 247 23.90 41.76 21.30
CA ALA C 247 23.25 42.15 20.04
C ALA C 247 22.77 40.87 19.35
N LEU C 248 21.99 40.07 20.06
CA LEU C 248 21.48 38.76 19.65
C LEU C 248 21.02 38.66 18.19
N LEU C 249 21.35 37.53 17.56
CA LEU C 249 20.99 37.28 16.17
C LEU C 249 19.87 36.26 16.09
N SER C 250 19.01 36.42 15.10
CA SER C 250 17.82 35.61 14.89
C SER C 250 18.09 34.14 14.59
N GLN C 251 19.22 33.85 13.94
CA GLN C 251 19.56 32.47 13.62
C GLN C 251 20.26 31.75 14.77
N ASP C 252 20.33 32.34 15.97
CA ASP C 252 20.87 31.63 17.14
C ASP C 252 19.74 31.00 17.98
N PHE C 253 18.51 30.89 17.43
CA PHE C 253 17.32 30.42 18.11
C PHE C 253 16.40 29.63 17.19
N GLU C 254 15.54 28.79 17.78
CA GLU C 254 14.61 27.93 17.07
C GLU C 254 13.32 27.70 17.83
N LEU C 255 12.25 27.49 17.09
CA LEU C 255 10.94 27.17 17.65
C LEU C 255 10.83 25.65 17.85
N LEU C 256 9.78 25.19 18.55
CA LEU C 256 9.53 23.77 18.76
C LEU C 256 8.14 23.46 18.23
N CYS C 257 8.01 22.43 17.37
CA CYS C 257 6.74 22.11 16.74
C CYS C 257 5.96 21.07 17.50
N ARG C 258 4.63 21.11 17.36
CA ARG C 258 3.77 20.12 17.99
C ARG C 258 4.11 18.70 17.49
N ASP C 259 4.61 18.57 16.23
CA ASP C 259 5.01 17.29 15.68
C ASP C 259 6.14 16.65 16.49
N GLY C 260 7.11 17.45 16.90
CA GLY C 260 8.24 16.95 17.68
C GLY C 260 9.59 17.36 17.15
N SER C 261 9.62 18.21 16.12
CA SER C 261 10.86 18.68 15.51
C SER C 261 11.10 20.18 15.81
N ARG C 262 12.34 20.63 15.62
CA ARG C 262 12.71 22.02 15.85
C ARG C 262 12.87 22.75 14.51
N ALA C 263 11.94 23.67 14.23
CA ALA C 263 11.94 24.45 13.00
C ALA C 263 12.70 25.81 13.23
N ASP C 264 12.72 26.73 12.25
CA ASP C 264 13.33 28.03 12.40
C ASP C 264 12.28 29.08 12.73
N VAL C 265 12.74 30.20 13.28
CA VAL C 265 11.89 31.31 13.70
C VAL C 265 10.98 31.85 12.58
N THR C 266 11.41 31.70 11.33
CA THR C 266 10.66 32.21 10.18
C THR C 266 9.39 31.39 9.88
N GLU C 267 9.46 30.08 10.09
CA GLU C 267 8.31 29.20 9.83
C GLU C 267 7.44 29.03 11.05
N TRP C 268 7.04 30.15 11.65
CA TRP C 268 6.11 30.11 12.78
C TRP C 268 4.66 29.82 12.29
N ARG C 269 4.37 30.02 10.99
CA ARG C 269 3.07 29.74 10.40
C ARG C 269 2.75 28.25 10.40
N GLN C 270 3.79 27.39 10.54
CA GLN C 270 3.67 25.96 10.63
C GLN C 270 4.00 25.49 12.04
N CYS C 271 5.00 26.13 12.68
CA CYS C 271 5.54 25.77 14.00
C CYS C 271 5.06 26.67 15.15
N HIS C 272 3.86 26.43 15.66
CA HIS C 272 3.28 27.19 16.76
C HIS C 272 2.43 26.30 17.65
N LEU C 273 2.18 26.72 18.89
CA LEU C 273 1.37 25.96 19.85
C LEU C 273 -0.12 26.32 19.83
N ALA C 274 -0.51 27.55 19.46
CA ALA C 274 -1.93 27.92 19.40
C ALA C 274 -2.12 29.31 18.84
N ARG C 275 -3.28 29.56 18.22
CA ARG C 275 -3.64 30.88 17.72
C ARG C 275 -4.54 31.42 18.81
N VAL C 276 -4.12 32.55 19.36
CA VAL C 276 -4.71 33.15 20.54
C VAL C 276 -5.24 34.53 20.24
N PRO C 277 -6.30 35.01 20.92
CA PRO C 277 -6.81 36.36 20.64
C PRO C 277 -5.83 37.47 21.03
N ALA C 278 -6.00 38.64 20.43
CA ALA C 278 -5.16 39.81 20.66
C ALA C 278 -5.41 40.47 22.03
N HIS C 279 -4.50 41.35 22.47
CA HIS C 279 -4.66 42.12 23.68
C HIS C 279 -5.74 43.19 23.47
N ALA C 280 -6.30 43.75 24.56
CA ALA C 280 -7.37 44.74 24.43
C ALA C 280 -7.36 45.75 25.58
N VAL C 281 -7.87 46.93 25.29
CA VAL C 281 -8.02 48.00 26.25
C VAL C 281 -9.23 47.65 27.09
N VAL C 282 -9.02 47.44 28.38
CA VAL C 282 -10.10 47.15 29.30
C VAL C 282 -10.41 48.38 30.14
N VAL C 283 -11.70 48.73 30.20
CA VAL C 283 -12.23 49.82 31.03
C VAL C 283 -13.42 49.26 31.83
N ARG C 284 -13.94 50.03 32.80
CA ARG C 284 -15.09 49.60 33.58
C ARG C 284 -16.34 49.47 32.73
N ALA C 285 -17.27 48.60 33.16
CA ALA C 285 -18.56 48.46 32.49
C ALA C 285 -19.35 49.79 32.61
N ASP C 286 -19.13 50.54 33.72
CA ASP C 286 -19.70 51.87 33.98
C ASP C 286 -19.24 52.87 32.90
N THR C 287 -17.96 52.79 32.54
CA THR C 287 -17.31 53.68 31.59
C THR C 287 -17.77 53.46 30.16
N ASP C 288 -17.95 54.58 29.44
CA ASP C 288 -18.33 54.63 28.02
C ASP C 288 -17.27 53.87 27.22
N GLY C 289 -17.70 53.18 26.18
CA GLY C 289 -16.80 52.43 25.32
C GLY C 289 -16.37 53.20 24.10
N GLY C 290 -17.34 53.81 23.42
CA GLY C 290 -17.11 54.59 22.20
C GLY C 290 -16.23 55.81 22.40
N LEU C 291 -16.21 56.34 23.63
CA LEU C 291 -15.39 57.49 24.00
C LEU C 291 -13.90 57.14 23.92
N ILE C 292 -13.54 55.92 24.34
CA ILE C 292 -12.15 55.47 24.36
C ILE C 292 -11.66 55.18 22.95
N PHE C 293 -12.48 54.55 22.12
CA PHE C 293 -12.07 54.25 20.77
C PHE C 293 -11.92 55.55 19.97
N ARG C 294 -12.88 56.47 20.08
CA ARG C 294 -12.80 57.73 19.33
C ARG C 294 -11.52 58.51 19.65
N LEU C 295 -11.17 58.57 20.94
CA LEU C 295 -9.95 59.24 21.35
C LEU C 295 -8.71 58.59 20.73
N LEU C 296 -8.64 57.26 20.74
CA LEU C 296 -7.48 56.55 20.24
C LEU C 296 -7.41 56.50 18.72
N ASN C 297 -8.53 56.29 18.03
CA ASN C 297 -8.53 56.29 16.57
C ASN C 297 -8.23 57.69 16.07
N GLU C 298 -8.66 58.76 16.79
CA GLU C 298 -8.37 60.14 16.42
C GLU C 298 -6.85 60.34 16.31
N GLY C 299 -6.12 59.83 17.30
CA GLY C 299 -4.67 59.88 17.33
C GLY C 299 -4.07 58.93 16.30
N GLN C 300 -4.41 57.66 16.39
CA GLN C 300 -3.93 56.65 15.46
C GLN C 300 -4.10 57.03 13.98
N ARG C 301 -5.27 57.57 13.63
CA ARG C 301 -5.60 57.99 12.27
C ARG C 301 -4.63 59.08 11.83
N LEU C 302 -4.51 60.15 12.63
CA LEU C 302 -3.66 61.29 12.32
C LEU C 302 -2.16 61.06 12.54
N PHE C 303 -1.79 59.94 13.19
CA PHE C 303 -0.39 59.65 13.52
C PHE C 303 0.06 58.26 13.03
N SER C 304 0.39 58.14 11.73
CA SER C 304 0.85 56.87 11.16
C SER C 304 2.19 56.94 10.38
N SER C 308 3.72 60.45 11.46
CA SER C 308 3.62 61.92 11.45
C SER C 308 4.10 62.55 12.81
N SER C 309 3.20 63.16 13.57
CA SER C 309 3.49 63.84 14.80
C SER C 309 3.84 62.92 15.98
N PHE C 310 3.52 61.61 15.95
CA PHE C 310 3.78 60.74 17.10
C PHE C 310 3.54 59.29 16.78
N GLN C 311 4.60 58.47 16.81
CA GLN C 311 4.48 57.03 16.55
C GLN C 311 3.93 56.33 17.78
N MET C 312 2.62 56.05 17.79
CA MET C 312 1.95 55.49 18.94
C MET C 312 2.39 54.08 19.33
N PHE C 313 2.72 53.23 18.34
CA PHE C 313 3.00 51.83 18.64
C PHE C 313 4.49 51.53 18.83
N SER C 314 5.38 52.44 18.39
CA SER C 314 6.80 52.31 18.69
C SER C 314 7.03 52.81 20.13
N SER C 315 8.11 52.34 20.77
CA SER C 315 8.43 52.79 22.12
C SER C 315 9.92 52.72 22.44
N GLU C 316 10.79 52.61 21.42
CA GLU C 316 12.24 52.54 21.63
C GLU C 316 12.86 53.88 22.05
N ALA C 317 12.14 55.00 21.82
CA ALA C 317 12.58 56.32 22.24
C ALA C 317 12.59 56.49 23.77
N TYR C 318 12.00 55.54 24.51
CA TYR C 318 11.94 55.53 25.97
C TYR C 318 12.78 54.42 26.59
N GLY C 319 13.57 53.70 25.80
CA GLY C 319 14.45 52.65 26.29
C GLY C 319 13.80 51.35 26.73
N GLN C 320 12.68 51.00 26.10
CA GLN C 320 11.98 49.77 26.44
C GLN C 320 11.08 49.25 25.30
N LYS C 321 10.49 48.06 25.51
CA LYS C 321 9.63 47.36 24.56
C LYS C 321 8.21 47.31 25.07
N ASP C 322 7.26 47.43 24.16
CA ASP C 322 5.84 47.28 24.39
C ASP C 322 5.29 48.18 25.48
N LEU C 323 5.34 49.51 25.27
CA LEU C 323 4.87 50.45 26.28
C LEU C 323 3.48 50.96 25.91
N LEU C 324 2.49 50.81 26.79
CA LEU C 324 1.08 51.19 26.57
C LEU C 324 0.42 50.22 25.57
N PHE C 325 1.00 50.08 24.39
CA PHE C 325 0.59 49.11 23.40
C PHE C 325 1.82 48.31 22.95
N LYS C 326 1.62 47.03 22.60
CA LYS C 326 2.71 46.21 22.12
C LYS C 326 3.22 46.76 20.76
N ASP C 327 4.54 46.77 20.56
CA ASP C 327 5.18 47.30 19.36
C ASP C 327 4.69 46.64 18.07
N SER C 328 4.17 45.42 18.18
CA SER C 328 3.62 44.64 17.07
C SER C 328 2.34 45.30 16.52
N THR C 329 1.59 46.04 17.36
CA THR C 329 0.34 46.68 16.97
C THR C 329 0.47 47.56 15.76
N SER C 330 -0.41 47.35 14.79
CA SER C 330 -0.47 48.16 13.57
C SER C 330 -1.67 49.09 13.59
N GLU C 331 -2.75 48.67 14.25
CA GLU C 331 -3.97 49.43 14.29
C GLU C 331 -4.79 49.00 15.48
N LEU C 332 -5.54 49.91 16.07
CA LEU C 332 -6.46 49.61 17.16
C LEU C 332 -7.88 49.66 16.57
N VAL C 333 -8.68 48.64 16.86
CA VAL C 333 -10.01 48.49 16.29
C VAL C 333 -11.10 48.54 17.33
N PRO C 334 -12.31 48.95 16.92
CA PRO C 334 -13.43 48.85 17.86
C PRO C 334 -13.85 47.39 18.02
N ILE C 335 -14.50 47.09 19.16
CA ILE C 335 -14.96 45.74 19.43
C ILE C 335 -16.46 45.75 19.63
N ALA C 336 -17.16 44.92 18.82
CA ALA C 336 -18.62 44.80 18.86
C ALA C 336 -19.15 44.36 20.24
N THR C 337 -18.80 43.15 20.72
CA THR C 337 -19.29 42.68 22.00
C THR C 337 -18.27 42.94 23.09
N GLN C 338 -18.60 43.84 24.03
CA GLN C 338 -17.68 44.22 25.10
C GLN C 338 -17.74 43.31 26.32
N THR C 339 -17.39 42.05 26.12
CA THR C 339 -17.35 41.06 27.19
C THR C 339 -16.12 40.18 27.00
N TYR C 340 -15.53 39.73 28.10
CA TYR C 340 -14.33 38.90 28.00
C TYR C 340 -14.61 37.53 27.39
N GLU C 341 -15.81 37.00 27.57
CA GLU C 341 -16.18 35.70 27.01
C GLU C 341 -16.26 35.75 25.49
N ALA C 342 -16.74 36.88 24.94
CA ALA C 342 -16.87 37.00 23.51
C ALA C 342 -15.55 37.38 22.88
N TRP C 343 -14.80 38.29 23.49
CA TRP C 343 -13.51 38.72 22.95
C TRP C 343 -12.54 37.55 22.82
N LEU C 344 -12.29 36.87 23.94
CA LEU C 344 -11.47 35.66 23.93
C LEU C 344 -12.25 34.58 23.17
N GLY C 345 -11.53 33.74 22.44
CA GLY C 345 -12.17 32.67 21.69
C GLY C 345 -12.91 31.68 22.59
N HIS C 346 -14.00 31.06 22.07
CA HIS C 346 -14.75 30.06 22.85
C HIS C 346 -13.82 28.91 23.27
N GLU C 347 -12.91 28.54 22.36
CA GLU C 347 -11.88 27.53 22.58
C GLU C 347 -11.02 27.94 23.79
N TYR C 348 -10.66 29.23 23.89
CA TYR C 348 -9.88 29.80 24.97
C TYR C 348 -10.57 29.56 26.32
N LEU C 349 -11.86 29.88 26.42
CA LEU C 349 -12.60 29.68 27.66
C LEU C 349 -12.77 28.20 28.02
N HIS C 350 -12.90 27.31 27.01
CA HIS C 350 -13.02 25.89 27.30
C HIS C 350 -11.73 25.37 27.90
N ALA C 351 -10.59 25.62 27.26
CA ALA C 351 -9.29 25.22 27.83
C ALA C 351 -9.11 25.81 29.25
N MET C 352 -9.71 26.98 29.48
CA MET C 352 -9.70 27.67 30.75
C MET C 352 -10.50 26.93 31.82
N LYS C 353 -11.71 26.40 31.51
CA LYS C 353 -12.51 25.75 32.56
C LYS C 353 -12.02 24.34 32.93
N GLY C 354 -11.21 23.71 32.08
CA GLY C 354 -10.66 22.39 32.38
C GLY C 354 -9.41 22.51 33.21
N LEU C 355 -8.35 23.07 32.60
CA LEU C 355 -7.05 23.36 33.23
C LEU C 355 -7.24 24.12 34.54
N LEU C 356 -8.19 25.08 34.52
CA LEU C 356 -8.58 25.90 35.65
C LEU C 356 -9.72 25.19 36.38
N CYS C 357 -9.41 24.70 37.56
CA CYS C 357 -10.40 24.14 38.45
C CYS C 357 -10.05 24.55 39.88
N ASP C 358 -11.06 24.80 40.68
CA ASP C 358 -10.87 25.23 42.05
C ASP C 358 -10.40 24.05 42.88
N PRO C 359 -9.17 24.13 43.44
CA PRO C 359 -8.64 23.01 44.24
C PRO C 359 -9.21 22.90 45.66
N ASN C 360 -10.49 23.32 45.84
CA ASN C 360 -11.26 23.29 47.09
C ASN C 360 -12.75 22.91 46.80
N ARG C 361 -13.21 23.01 45.52
CA ARG C 361 -14.61 22.72 45.21
C ARG C 361 -14.76 21.67 44.12
N LEU C 362 -14.04 20.57 44.33
CA LEU C 362 -14.07 19.39 43.48
C LEU C 362 -14.77 18.29 44.27
N PRO C 363 -15.62 17.46 43.61
CA PRO C 363 -16.29 16.37 44.36
C PRO C 363 -15.28 15.54 45.17
N PRO C 364 -15.54 15.40 46.48
CA PRO C 364 -14.59 14.69 47.34
C PRO C 364 -14.34 13.25 46.91
N TYR C 365 -15.35 12.63 46.30
CA TYR C 365 -15.30 11.27 45.85
C TYR C 365 -15.50 11.13 44.33
N LEU C 366 -14.89 10.11 43.76
CA LEU C 366 -15.05 9.71 42.37
C LEU C 366 -15.67 8.31 42.47
N ARG C 367 -16.95 8.19 42.14
CA ARG C 367 -17.67 6.93 42.26
C ARG C 367 -17.53 6.05 41.06
N TRP C 368 -16.82 4.93 41.20
CA TRP C 368 -16.63 3.99 40.12
C TRP C 368 -17.79 3.00 40.04
N CYS C 369 -18.07 2.52 38.82
CA CYS C 369 -19.12 1.57 38.55
C CYS C 369 -18.55 0.16 38.50
N VAL C 370 -19.13 -0.77 39.25
CA VAL C 370 -18.68 -2.16 39.30
C VAL C 370 -19.80 -3.11 38.91
N LEU C 371 -19.48 -4.18 38.18
CA LEU C 371 -20.50 -5.10 37.68
C LEU C 371 -20.43 -6.54 38.21
N SER C 372 -19.61 -6.80 39.24
CA SER C 372 -19.46 -8.13 39.85
C SER C 372 -18.91 -8.00 41.28
N THR C 373 -19.11 -9.01 42.15
CA THR C 373 -18.54 -8.95 43.50
C THR C 373 -17.00 -8.94 43.42
N PRO C 374 -16.32 -9.70 42.52
CA PRO C 374 -14.88 -9.54 42.39
C PRO C 374 -14.53 -8.10 41.98
N GLU C 375 -15.33 -7.47 41.10
CA GLU C 375 -15.08 -6.06 40.75
C GLU C 375 -15.24 -5.16 41.98
N ILE C 376 -16.18 -5.48 42.86
CA ILE C 376 -16.45 -4.75 44.10
C ILE C 376 -15.23 -4.83 44.99
N GLN C 377 -14.62 -6.01 45.10
CA GLN C 377 -13.46 -6.22 45.94
C GLN C 377 -12.21 -5.54 45.40
N LYS C 378 -11.95 -5.63 44.08
CA LYS C 378 -10.81 -4.96 43.49
C LYS C 378 -10.93 -3.46 43.63
N CYS C 379 -12.12 -2.94 43.40
CA CYS C 379 -12.35 -1.51 43.54
C CYS C 379 -12.21 -1.10 45.00
N GLY C 380 -12.68 -1.93 45.92
CA GLY C 380 -12.52 -1.69 47.35
C GLY C 380 -11.06 -1.59 47.76
N ASP C 381 -10.26 -2.52 47.26
CA ASP C 381 -8.83 -2.52 47.52
C ASP C 381 -8.14 -1.34 46.85
N MET C 382 -8.61 -0.95 45.65
CA MET C 382 -8.06 0.18 44.94
C MET C 382 -8.28 1.47 45.72
N ALA C 383 -9.45 1.62 46.36
CA ALA C 383 -9.75 2.79 47.18
C ALA C 383 -8.81 2.86 48.37
N VAL C 384 -8.52 1.73 48.98
CA VAL C 384 -7.61 1.66 50.11
C VAL C 384 -6.19 2.07 49.68
N ALA C 385 -5.63 1.43 48.63
CA ALA C 385 -4.28 1.70 48.16
C ALA C 385 -4.10 3.13 47.74
N PHE C 386 -5.12 3.72 47.10
CA PHE C 386 -5.04 5.11 46.65
C PHE C 386 -5.04 6.03 47.85
N ARG C 387 -5.97 5.82 48.79
CA ARG C 387 -6.08 6.66 49.97
C ARG C 387 -4.84 6.60 50.82
N ARG C 388 -4.26 5.43 51.03
CA ARG C 388 -3.02 5.32 51.80
C ARG C 388 -1.89 6.13 51.17
N GLN C 389 -1.95 6.34 49.85
CA GLN C 389 -0.96 7.12 49.13
C GLN C 389 -1.36 8.58 48.87
N ARG C 390 -2.40 9.05 49.56
CA ARG C 390 -2.89 10.42 49.54
C ARG C 390 -3.13 10.92 48.12
N LEU C 391 -4.01 10.23 47.39
CA LEU C 391 -4.34 10.60 46.03
C LEU C 391 -5.80 11.02 46.00
N LYS C 392 -6.06 12.26 45.61
CA LYS C 392 -7.42 12.75 45.54
C LYS C 392 -7.87 12.78 44.08
N PRO C 393 -9.17 12.55 43.82
CA PRO C 393 -10.24 12.26 44.78
C PRO C 393 -10.24 10.83 45.32
N GLU C 394 -11.08 10.58 46.32
CA GLU C 394 -11.19 9.26 46.92
C GLU C 394 -12.15 8.44 46.09
N ILE C 395 -11.87 7.16 45.93
CA ILE C 395 -12.70 6.28 45.12
C ILE C 395 -13.80 5.69 45.96
N GLN C 396 -14.98 5.56 45.41
CA GLN C 396 -16.10 4.85 46.03
C GLN C 396 -16.63 3.91 44.99
N CYS C 397 -17.13 2.75 45.41
CA CYS C 397 -17.63 1.76 44.47
C CYS C 397 -19.13 1.62 44.56
N VAL C 398 -19.80 1.74 43.40
CA VAL C 398 -21.23 1.58 43.30
C VAL C 398 -21.53 0.46 42.31
N SER C 399 -22.32 -0.50 42.73
CA SER C 399 -22.67 -1.63 41.88
C SER C 399 -23.84 -1.33 40.97
N ALA C 400 -23.79 -1.87 39.74
CA ALA C 400 -24.84 -1.77 38.74
C ALA C 400 -24.90 -3.11 37.97
N LYS C 401 -26.12 -3.55 37.60
CA LYS C 401 -26.34 -4.85 36.97
C LYS C 401 -25.89 -5.01 35.52
N SER C 402 -25.72 -3.93 34.76
CA SER C 402 -25.35 -4.04 33.35
C SER C 402 -24.43 -2.88 32.92
N PRO C 403 -23.58 -3.06 31.90
CA PRO C 403 -22.75 -1.94 31.43
C PRO C 403 -23.62 -0.78 30.96
N GLN C 404 -24.76 -1.08 30.31
CA GLN C 404 -25.74 -0.10 29.86
C GLN C 404 -26.40 0.57 31.08
N HIS C 405 -26.70 -0.21 32.13
N HIS C 405 -26.70 -0.21 32.13
CA HIS C 405 -27.29 0.25 33.39
CA HIS C 405 -27.29 0.32 33.36
C HIS C 405 -26.33 1.23 34.11
C HIS C 405 -26.34 1.27 34.09
N CYS C 406 -25.00 1.08 33.92
CA CYS C 406 -23.99 1.98 34.52
C CYS C 406 -24.15 3.36 33.89
N MET C 407 -24.25 3.40 32.54
CA MET C 407 -24.41 4.65 31.78
C MET C 407 -25.61 5.46 32.28
N GLU C 408 -26.75 4.79 32.51
CA GLU C 408 -27.98 5.39 33.00
C GLU C 408 -27.73 6.03 34.36
N ARG C 409 -27.00 5.31 35.24
CA ARG C 409 -26.66 5.75 36.59
C ARG C 409 -25.59 6.86 36.61
N ILE C 410 -24.62 6.81 35.68
CA ILE C 410 -23.59 7.84 35.58
C ILE C 410 -24.24 9.18 35.27
N GLN C 411 -25.03 9.23 34.18
CA GLN C 411 -25.71 10.46 33.79
C GLN C 411 -26.74 10.95 34.83
N ALA C 412 -27.31 9.99 35.59
CA ALA C 412 -28.23 10.31 36.67
C ALA C 412 -27.53 10.90 37.91
N GLU C 413 -26.19 11.15 37.82
CA GLU C 413 -25.35 11.69 38.88
C GLU C 413 -25.35 10.83 40.13
N GLN C 414 -25.49 9.51 39.97
CA GLN C 414 -25.39 8.57 41.07
C GLN C 414 -24.01 7.88 41.05
N VAL C 415 -23.46 7.66 39.85
CA VAL C 415 -22.13 7.11 39.58
C VAL C 415 -21.34 8.15 38.73
N ASP C 416 -20.02 8.06 38.71
CA ASP C 416 -19.19 9.03 38.03
C ASP C 416 -18.35 8.50 36.88
N ALA C 417 -17.92 7.22 36.94
CA ALA C 417 -17.03 6.67 35.92
C ALA C 417 -17.18 5.16 35.73
N VAL C 418 -16.82 4.66 34.54
CA VAL C 418 -16.82 3.24 34.20
C VAL C 418 -15.92 2.98 32.98
N THR C 419 -15.38 1.76 32.84
CA THR C 419 -14.53 1.44 31.68
C THR C 419 -15.37 0.64 30.72
N LEU C 420 -15.43 1.07 29.45
CA LEU C 420 -16.28 0.42 28.47
C LEU C 420 -15.56 -0.04 27.21
N SER C 421 -16.15 -1.04 26.55
CA SER C 421 -15.71 -1.64 25.27
C SER C 421 -16.07 -0.68 24.13
N GLY C 422 -15.53 -0.92 22.93
CA GLY C 422 -15.83 -0.07 21.78
C GLY C 422 -17.31 0.13 21.49
N GLU C 423 -18.05 -0.98 21.41
CA GLU C 423 -19.50 -0.91 21.17
C GLU C 423 -20.23 -0.17 22.31
N ASP C 424 -19.79 -0.35 23.55
CA ASP C 424 -20.43 0.33 24.69
C ASP C 424 -20.02 1.79 24.83
N ILE C 425 -18.91 2.19 24.19
CA ILE C 425 -18.50 3.59 24.18
C ILE C 425 -19.49 4.35 23.32
N TYR C 426 -19.81 3.81 22.12
CA TYR C 426 -20.77 4.40 21.19
C TYR C 426 -22.11 4.64 21.84
N THR C 427 -22.68 3.62 22.48
CA THR C 427 -23.97 3.77 23.14
C THR C 427 -23.93 4.75 24.30
N ALA C 428 -22.78 4.92 24.94
CA ALA C 428 -22.69 5.83 26.09
C ALA C 428 -22.68 7.29 25.66
N GLY C 429 -21.88 7.63 24.64
CA GLY C 429 -21.74 8.99 24.17
C GLY C 429 -22.89 9.46 23.31
N LYS C 430 -23.41 8.58 22.45
CA LYS C 430 -24.49 8.95 21.55
C LYS C 430 -25.85 8.97 22.24
N THR C 431 -26.07 8.09 23.21
CA THR C 431 -27.37 7.97 23.86
C THR C 431 -27.42 8.63 25.23
N TYR C 432 -26.29 8.68 25.94
CA TYR C 432 -26.26 9.24 27.30
C TYR C 432 -25.37 10.47 27.44
N GLY C 433 -24.71 10.87 26.35
CA GLY C 433 -23.88 12.05 26.32
C GLY C 433 -22.60 11.94 27.12
N LEU C 434 -22.10 10.72 27.32
CA LEU C 434 -20.87 10.54 28.06
C LEU C 434 -19.63 10.82 27.22
N VAL C 435 -18.53 11.16 27.88
CA VAL C 435 -17.28 11.50 27.21
C VAL C 435 -16.13 10.73 27.79
N PRO C 436 -15.13 10.39 26.97
CA PRO C 436 -13.97 9.66 27.50
C PRO C 436 -13.05 10.54 28.37
N ALA C 437 -12.62 10.03 29.53
CA ALA C 437 -11.74 10.75 30.43
C ALA C 437 -10.30 10.25 30.37
N ALA C 438 -10.11 8.95 30.07
CA ALA C 438 -8.81 8.29 29.91
C ALA C 438 -9.03 6.96 29.17
N GLY C 439 -7.99 6.45 28.54
CA GLY C 439 -8.11 5.20 27.81
C GLY C 439 -7.10 4.15 28.21
N GLU C 440 -7.41 2.88 27.93
CA GLU C 440 -6.47 1.80 28.18
C GLU C 440 -5.44 1.77 27.05
N HIS C 441 -4.21 1.42 27.34
CA HIS C 441 -3.16 1.33 26.33
C HIS C 441 -2.50 -0.05 26.45
N TYR C 442 -2.58 -0.85 25.39
CA TYR C 442 -2.05 -2.20 25.41
C TYR C 442 -0.62 -2.26 24.90
N ALA C 443 0.08 -3.39 25.13
CA ALA C 443 1.46 -3.53 24.71
C ALA C 443 1.59 -3.50 23.20
N PRO C 444 2.69 -2.97 22.66
CA PRO C 444 2.83 -2.91 21.19
C PRO C 444 2.72 -4.28 20.53
N GLU C 445 3.17 -5.35 21.21
CA GLU C 445 3.08 -6.73 20.70
C GLU C 445 1.72 -7.38 20.92
N ASP C 446 0.86 -6.79 21.76
CA ASP C 446 -0.47 -7.33 21.99
C ASP C 446 -1.39 -6.72 20.98
N SER C 447 -2.14 -7.55 20.30
CA SER C 447 -3.07 -7.10 19.28
C SER C 447 -4.37 -7.89 19.30
N SER C 448 -4.73 -8.46 20.43
CA SER C 448 -5.99 -9.19 20.56
C SER C 448 -7.14 -8.22 20.93
N ASN C 449 -6.82 -7.08 21.55
CA ASN C 449 -7.82 -6.14 21.98
C ASN C 449 -8.01 -4.95 21.02
N SER C 450 -6.93 -4.24 20.65
CA SER C 450 -7.08 -3.12 19.72
C SER C 450 -6.26 -3.40 18.48
N TYR C 451 -6.93 -3.77 17.41
CA TYR C 451 -6.25 -4.14 16.17
C TYR C 451 -6.85 -3.45 14.96
N TYR C 452 -6.22 -3.61 13.79
CA TYR C 452 -6.71 -3.01 12.56
C TYR C 452 -7.39 -4.05 11.69
N VAL C 453 -8.52 -3.67 11.08
CA VAL C 453 -9.28 -4.49 10.15
C VAL C 453 -8.74 -4.21 8.77
N VAL C 454 -8.32 -5.25 8.06
CA VAL C 454 -7.72 -5.06 6.76
C VAL C 454 -8.37 -5.94 5.68
N ALA C 455 -8.19 -5.54 4.41
CA ALA C 455 -8.67 -6.31 3.30
C ALA C 455 -7.43 -6.77 2.53
N VAL C 456 -7.08 -8.07 2.71
CA VAL C 456 -5.95 -8.71 2.06
C VAL C 456 -6.34 -9.29 0.72
N VAL C 457 -5.49 -9.12 -0.30
CA VAL C 457 -5.72 -9.66 -1.64
C VAL C 457 -4.42 -10.25 -2.18
N ARG C 458 -4.52 -11.13 -3.18
CA ARG C 458 -3.34 -11.72 -3.80
C ARG C 458 -2.61 -10.67 -4.63
N ARG C 459 -1.29 -10.82 -4.77
CA ARG C 459 -0.50 -9.90 -5.59
C ARG C 459 -0.63 -10.26 -7.07
N ASP C 460 -1.56 -9.61 -7.78
CA ASP C 460 -1.79 -9.80 -9.21
C ASP C 460 -2.01 -8.40 -9.79
N SER C 461 -1.12 -7.93 -10.64
CA SER C 461 -1.21 -6.61 -11.24
C SER C 461 -2.20 -6.62 -12.40
N SER C 462 -2.09 -7.62 -13.28
CA SER C 462 -3.00 -7.68 -14.43
C SER C 462 -4.48 -7.79 -13.99
N HIS C 463 -4.73 -8.31 -12.78
CA HIS C 463 -6.09 -8.47 -12.28
C HIS C 463 -6.33 -7.68 -10.99
N ALA C 464 -5.68 -6.52 -10.86
CA ALA C 464 -5.81 -5.71 -9.66
C ALA C 464 -7.16 -5.01 -9.52
N PHE C 465 -7.56 -4.70 -8.30
CA PHE C 465 -8.80 -3.97 -8.04
C PHE C 465 -8.72 -3.18 -6.74
N THR C 466 -9.57 -2.16 -6.65
CA THR C 466 -9.67 -1.19 -5.57
C THR C 466 -10.76 -1.58 -4.64
N LEU C 467 -10.75 -1.05 -3.42
CA LEU C 467 -11.84 -1.31 -2.48
C LEU C 467 -13.22 -0.88 -3.05
N ASP C 468 -13.23 -0.03 -4.08
CA ASP C 468 -14.44 0.46 -4.72
C ASP C 468 -14.91 -0.43 -5.88
N GLU C 469 -14.04 -1.33 -6.39
CA GLU C 469 -14.39 -2.25 -7.46
C GLU C 469 -14.54 -3.68 -6.88
N LEU C 470 -15.24 -3.81 -5.76
CA LEU C 470 -15.48 -5.12 -5.14
C LEU C 470 -16.73 -5.85 -5.61
N ARG C 471 -17.52 -5.23 -6.49
CA ARG C 471 -18.75 -5.82 -6.94
C ARG C 471 -18.48 -6.96 -7.91
N GLY C 472 -19.07 -8.11 -7.67
CA GLY C 472 -18.87 -9.29 -8.51
C GLY C 472 -17.71 -10.18 -8.09
N LYS C 473 -16.87 -9.68 -7.17
CA LYS C 473 -15.73 -10.44 -6.70
C LYS C 473 -16.13 -11.54 -5.72
N ARG C 474 -15.19 -12.45 -5.42
CA ARG C 474 -15.44 -13.49 -4.46
C ARG C 474 -14.84 -13.05 -3.11
N SER C 475 -15.62 -13.15 -2.02
CA SER C 475 -15.13 -12.67 -0.73
C SER C 475 -15.07 -13.74 0.34
N CYS C 476 -14.00 -13.67 1.14
CA CYS C 476 -13.74 -14.59 2.24
C CYS C 476 -13.91 -13.85 3.53
N HIS C 477 -15.03 -14.06 4.21
CA HIS C 477 -15.25 -13.44 5.52
C HIS C 477 -14.86 -14.49 6.59
N ALA C 478 -14.61 -14.03 7.83
CA ALA C 478 -14.20 -14.99 8.87
C ALA C 478 -15.39 -15.84 9.36
N GLY C 479 -16.53 -15.17 9.50
CA GLY C 479 -17.77 -15.73 9.97
C GLY C 479 -18.83 -14.67 10.10
N PHE C 480 -20.11 -15.08 10.21
CA PHE C 480 -21.19 -14.12 10.35
C PHE C 480 -21.06 -13.37 11.66
N GLY C 481 -21.19 -12.06 11.60
CA GLY C 481 -21.05 -11.21 12.77
C GLY C 481 -19.62 -11.04 13.23
N SER C 482 -18.62 -11.59 12.50
CA SER C 482 -17.23 -11.39 12.90
C SER C 482 -16.90 -9.91 12.78
N PRO C 483 -16.29 -9.29 13.81
CA PRO C 483 -16.03 -7.84 13.73
C PRO C 483 -15.23 -7.47 12.49
N ALA C 484 -14.02 -8.05 12.35
CA ALA C 484 -13.19 -7.71 11.22
C ALA C 484 -13.69 -8.33 9.93
N GLY C 485 -14.24 -9.54 9.99
CA GLY C 485 -14.65 -10.22 8.77
C GLY C 485 -16.02 -9.92 8.21
N TRP C 486 -16.89 -9.28 8.99
CA TRP C 486 -18.26 -9.04 8.58
C TRP C 486 -18.76 -7.67 8.98
N ASP C 487 -18.78 -7.36 10.30
CA ASP C 487 -19.36 -6.11 10.79
C ASP C 487 -18.71 -4.87 10.22
N VAL C 488 -17.38 -4.78 10.27
CA VAL C 488 -16.67 -3.62 9.74
C VAL C 488 -16.76 -3.53 8.24
N PRO C 489 -16.40 -4.58 7.46
CA PRO C 489 -16.41 -4.45 6.01
C PRO C 489 -17.80 -4.20 5.43
N VAL C 490 -18.81 -4.98 5.87
CA VAL C 490 -20.17 -4.77 5.37
C VAL C 490 -20.69 -3.39 5.78
N GLY C 491 -20.43 -3.02 7.03
CA GLY C 491 -20.80 -1.69 7.51
C GLY C 491 -20.18 -0.59 6.67
N ALA C 492 -18.93 -0.79 6.24
CA ALA C 492 -18.19 0.19 5.48
C ALA C 492 -18.73 0.32 4.06
N LEU C 493 -19.05 -0.82 3.41
CA LEU C 493 -19.59 -0.79 2.05
C LEU C 493 -20.98 -0.17 1.99
N ILE C 494 -21.75 -0.23 3.08
CA ILE C 494 -23.07 0.35 3.12
C ILE C 494 -22.93 1.87 3.23
N GLN C 495 -22.11 2.36 4.17
CA GLN C 495 -21.88 3.78 4.32
C GLN C 495 -21.23 4.38 3.09
N ARG C 496 -20.31 3.66 2.44
CA ARG C 496 -19.68 4.18 1.21
C ARG C 496 -20.62 4.17 0.00
N GLY C 497 -21.77 3.51 0.11
CA GLY C 497 -22.77 3.52 -0.93
C GLY C 497 -22.58 2.52 -2.03
N PHE C 498 -22.03 1.35 -1.70
CA PHE C 498 -21.81 0.26 -2.64
C PHE C 498 -22.80 -0.87 -2.41
N ILE C 499 -23.13 -1.14 -1.14
CA ILE C 499 -24.15 -2.12 -0.83
C ILE C 499 -25.35 -1.30 -0.38
N ARG C 500 -26.42 -1.27 -1.20
CA ARG C 500 -27.61 -0.49 -0.93
C ARG C 500 -28.76 -1.43 -0.63
N PRO C 501 -28.92 -1.83 0.63
CA PRO C 501 -29.98 -2.82 0.95
C PRO C 501 -31.37 -2.24 0.96
N LYS C 502 -32.38 -3.13 0.86
CA LYS C 502 -33.81 -2.78 0.88
C LYS C 502 -34.48 -3.41 2.12
N ASP C 503 -35.31 -2.62 2.84
CA ASP C 503 -35.99 -3.04 4.08
C ASP C 503 -35.02 -3.68 5.10
N CYS C 504 -33.88 -3.02 5.37
CA CYS C 504 -32.85 -3.55 6.29
C CYS C 504 -32.55 -5.07 6.11
N ASP C 505 -32.55 -5.51 4.84
CA ASP C 505 -32.22 -6.87 4.44
C ASP C 505 -30.77 -6.84 3.96
N VAL C 506 -29.84 -6.91 4.91
CA VAL C 506 -28.41 -6.80 4.66
C VAL C 506 -27.85 -8.09 4.08
N LEU C 507 -28.35 -9.26 4.52
CA LEU C 507 -27.85 -10.54 3.99
C LEU C 507 -28.01 -10.69 2.46
N THR C 508 -29.18 -10.32 1.93
CA THR C 508 -29.45 -10.42 0.51
C THR C 508 -28.66 -9.34 -0.24
N ALA C 509 -28.43 -8.16 0.36
CA ALA C 509 -27.66 -7.11 -0.28
C ALA C 509 -26.23 -7.53 -0.52
N VAL C 510 -25.58 -8.22 0.47
CA VAL C 510 -24.21 -8.64 0.29
C VAL C 510 -24.10 -9.87 -0.60
N SER C 511 -25.13 -10.73 -0.60
CA SER C 511 -25.09 -11.92 -1.46
C SER C 511 -25.34 -11.58 -2.93
N GLU C 512 -25.92 -10.39 -3.19
CA GLU C 512 -26.13 -9.82 -4.51
C GLU C 512 -24.95 -8.92 -4.93
N PHE C 513 -24.13 -8.45 -3.98
CA PHE C 513 -22.98 -7.63 -4.28
C PHE C 513 -21.76 -8.51 -4.70
N PHE C 514 -21.39 -9.48 -3.88
CA PHE C 514 -20.31 -10.40 -4.20
C PHE C 514 -20.91 -11.59 -4.94
N ASN C 515 -20.23 -12.05 -5.98
CA ASN C 515 -20.71 -13.17 -6.77
C ASN C 515 -20.77 -14.48 -5.97
N ALA C 516 -19.85 -14.65 -5.04
CA ALA C 516 -19.77 -15.83 -4.18
C ALA C 516 -18.93 -15.49 -2.97
N SER C 517 -19.34 -15.99 -1.82
CA SER C 517 -18.66 -15.68 -0.57
C SER C 517 -18.60 -16.91 0.34
N CYS C 518 -17.77 -16.83 1.37
CA CYS C 518 -17.77 -17.82 2.42
C CYS C 518 -17.97 -17.09 3.73
N VAL C 519 -19.18 -17.19 4.29
CA VAL C 519 -19.50 -16.55 5.55
C VAL C 519 -20.05 -17.64 6.44
N PRO C 520 -19.19 -18.40 7.16
CA PRO C 520 -19.69 -19.46 8.04
C PRO C 520 -20.67 -18.95 9.08
N VAL C 521 -21.70 -19.75 9.37
CA VAL C 521 -22.79 -19.37 10.25
C VAL C 521 -23.31 -20.56 11.09
N ASN C 522 -23.86 -20.26 12.27
CA ASN C 522 -24.48 -21.22 13.16
C ASN C 522 -25.95 -20.87 13.24
N ASN C 523 -26.86 -21.85 13.32
CA ASN C 523 -28.29 -21.55 13.43
C ASN C 523 -28.82 -20.62 12.32
N PRO C 524 -28.66 -21.00 11.05
CA PRO C 524 -29.19 -20.16 9.97
C PRO C 524 -30.69 -20.39 9.73
N LYS C 525 -31.40 -19.38 9.19
CA LYS C 525 -32.82 -19.56 8.88
C LYS C 525 -33.10 -19.23 7.39
N ASN C 526 -32.68 -18.05 6.88
CA ASN C 526 -32.90 -17.75 5.45
C ASN C 526 -31.59 -17.31 4.81
N TYR C 527 -30.53 -18.05 5.11
CA TYR C 527 -29.19 -17.75 4.64
C TYR C 527 -29.07 -17.87 3.13
N PRO C 528 -28.64 -16.81 2.41
CA PRO C 528 -28.46 -16.92 0.96
C PRO C 528 -27.44 -17.99 0.57
N SER C 529 -27.67 -18.67 -0.57
CA SER C 529 -26.74 -19.70 -1.02
C SER C 529 -25.36 -19.15 -1.31
N SER C 530 -25.31 -17.96 -1.92
CA SER C 530 -24.07 -17.29 -2.28
C SER C 530 -23.18 -17.10 -1.09
N LEU C 531 -23.73 -16.87 0.11
CA LEU C 531 -22.90 -16.63 1.29
C LEU C 531 -22.18 -17.88 1.82
N CYS C 532 -22.52 -19.07 1.29
CA CYS C 532 -21.89 -20.34 1.62
C CYS C 532 -21.19 -20.99 0.41
N ALA C 533 -21.22 -20.35 -0.75
CA ALA C 533 -20.70 -20.91 -1.99
C ALA C 533 -19.22 -21.32 -1.95
N LEU C 534 -18.38 -20.55 -1.26
CA LEU C 534 -16.95 -20.81 -1.23
C LEU C 534 -16.50 -21.73 -0.10
N CYS C 535 -17.37 -22.02 0.87
CA CYS C 535 -16.98 -22.84 2.02
C CYS C 535 -16.71 -24.29 1.62
N VAL C 536 -15.73 -24.91 2.24
CA VAL C 536 -15.27 -26.25 1.90
C VAL C 536 -15.59 -27.35 2.97
N GLY C 537 -15.68 -26.97 4.22
CA GLY C 537 -16.02 -27.87 5.31
C GLY C 537 -14.88 -28.73 5.78
N ASP C 538 -15.21 -29.96 6.18
CA ASP C 538 -14.31 -31.00 6.68
C ASP C 538 -13.24 -31.36 5.68
N GLU C 539 -12.23 -32.11 6.13
CA GLU C 539 -11.23 -32.67 5.23
C GLU C 539 -11.93 -33.63 4.23
N GLN C 540 -13.07 -34.23 4.62
CA GLN C 540 -13.89 -35.11 3.76
C GLN C 540 -15.13 -34.37 3.18
N GLY C 541 -15.12 -33.04 3.20
CA GLY C 541 -16.18 -32.22 2.64
C GLY C 541 -17.46 -32.05 3.44
N ARG C 542 -17.56 -32.70 4.60
CA ARG C 542 -18.77 -32.59 5.43
C ARG C 542 -18.77 -31.28 6.25
N ASN C 543 -19.92 -30.87 6.82
CA ASN C 543 -20.00 -29.68 7.67
C ASN C 543 -19.66 -28.40 6.92
N LYS C 544 -20.05 -28.30 5.65
CA LYS C 544 -19.76 -27.12 4.83
CA LYS C 544 -19.76 -27.12 4.84
C LYS C 544 -20.46 -25.88 5.40
N CYS C 545 -19.74 -24.77 5.47
CA CYS C 545 -20.22 -23.46 5.90
C CYS C 545 -20.61 -23.39 7.39
N VAL C 546 -20.24 -24.38 8.19
CA VAL C 546 -20.59 -24.41 9.61
C VAL C 546 -19.77 -23.40 10.44
N GLY C 547 -20.40 -22.80 11.43
CA GLY C 547 -19.78 -21.75 12.23
C GLY C 547 -18.86 -22.21 13.34
N ASN C 548 -17.84 -22.96 12.98
CA ASN C 548 -16.84 -23.44 13.92
C ASN C 548 -15.64 -24.02 13.14
N SER C 549 -14.57 -24.43 13.85
CA SER C 549 -13.36 -24.94 13.22
C SER C 549 -13.57 -26.14 12.29
N GLN C 550 -14.75 -26.82 12.35
CA GLN C 550 -15.02 -27.93 11.42
C GLN C 550 -14.94 -27.45 9.97
N GLU C 551 -15.36 -26.20 9.71
CA GLU C 551 -15.25 -25.57 8.40
C GLU C 551 -13.81 -25.04 8.26
N ARG C 552 -13.06 -25.52 7.24
CA ARG C 552 -11.68 -25.13 7.01
C ARG C 552 -11.48 -23.67 6.70
N TYR C 553 -12.50 -22.99 6.18
CA TYR C 553 -12.39 -21.55 5.89
C TYR C 553 -12.97 -20.66 7.00
N TYR C 554 -13.15 -21.22 8.21
CA TYR C 554 -13.71 -20.49 9.33
C TYR C 554 -12.61 -19.75 10.08
N GLY C 555 -12.94 -18.56 10.55
CA GLY C 555 -12.01 -17.73 11.29
C GLY C 555 -11.10 -16.93 10.39
N TYR C 556 -10.28 -16.06 10.97
CA TYR C 556 -9.38 -15.21 10.21
C TYR C 556 -8.34 -15.98 9.39
N ARG C 557 -7.78 -17.07 9.96
CA ARG C 557 -6.84 -17.88 9.19
C ARG C 557 -7.55 -18.68 8.13
N GLY C 558 -8.78 -19.11 8.40
CA GLY C 558 -9.59 -19.80 7.41
C GLY C 558 -9.94 -18.86 6.27
N ALA C 559 -10.32 -17.62 6.60
CA ALA C 559 -10.65 -16.60 5.60
C ALA C 559 -9.42 -16.27 4.77
N PHE C 560 -8.23 -16.22 5.39
CA PHE C 560 -6.98 -15.98 4.67
C PHE C 560 -6.66 -17.18 3.77
N ARG C 561 -6.89 -18.40 4.28
CA ARG C 561 -6.70 -19.61 3.49
C ARG C 561 -7.59 -19.60 2.27
N CYS C 562 -8.87 -19.26 2.45
CA CYS C 562 -9.89 -19.11 1.42
C CYS C 562 -9.36 -18.25 0.29
N LEU C 563 -8.59 -17.20 0.61
CA LEU C 563 -7.93 -16.32 -0.36
C LEU C 563 -6.74 -16.99 -1.10
N VAL C 564 -5.77 -17.55 -0.37
CA VAL C 564 -4.58 -18.14 -0.96
C VAL C 564 -4.92 -19.34 -1.83
N GLU C 565 -5.95 -20.10 -1.47
CA GLU C 565 -6.39 -21.24 -2.28
C GLU C 565 -7.24 -20.79 -3.51
N ASN C 566 -7.26 -19.48 -3.80
CA ASN C 566 -7.97 -18.90 -4.92
C ASN C 566 -9.47 -19.12 -4.89
N ALA C 567 -10.04 -19.53 -3.75
CA ALA C 567 -11.50 -19.70 -3.62
C ALA C 567 -12.18 -18.36 -3.63
N GLY C 568 -11.57 -17.36 -3.01
CA GLY C 568 -12.06 -15.99 -3.02
C GLY C 568 -11.00 -15.04 -3.55
N ASP C 569 -11.33 -13.77 -3.65
CA ASP C 569 -10.46 -12.72 -4.17
C ASP C 569 -10.01 -11.71 -3.13
N VAL C 570 -10.73 -11.62 -2.01
CA VAL C 570 -10.46 -10.67 -0.95
C VAL C 570 -10.82 -11.33 0.35
N ALA C 571 -10.01 -11.12 1.38
CA ALA C 571 -10.26 -11.66 2.70
C ALA C 571 -10.21 -10.49 3.64
N PHE C 572 -11.24 -10.33 4.49
CA PHE C 572 -11.25 -9.25 5.49
C PHE C 572 -10.87 -9.88 6.82
N VAL C 573 -9.68 -9.55 7.33
CA VAL C 573 -9.06 -10.19 8.50
C VAL C 573 -8.36 -9.13 9.39
N ARG C 574 -7.62 -9.56 10.43
CA ARG C 574 -6.86 -8.64 11.27
C ARG C 574 -5.49 -8.42 10.68
N HIS C 575 -4.86 -7.28 11.02
CA HIS C 575 -3.56 -6.95 10.47
C HIS C 575 -2.50 -8.03 10.66
N THR C 576 -2.64 -8.87 11.69
CA THR C 576 -1.69 -9.92 12.02
C THR C 576 -1.90 -11.20 11.23
N THR C 577 -3.09 -11.42 10.67
CA THR C 577 -3.41 -12.69 10.00
C THR C 577 -2.37 -13.15 9.00
N VAL C 578 -1.96 -12.27 8.08
CA VAL C 578 -0.96 -12.63 7.08
C VAL C 578 0.36 -13.04 7.69
N PHE C 579 0.87 -12.29 8.71
CA PHE C 579 2.16 -12.63 9.35
C PHE C 579 2.15 -13.97 10.05
N ASP C 580 1.07 -14.26 10.78
CA ASP C 580 0.92 -15.53 11.50
C ASP C 580 0.71 -16.76 10.60
N ASN C 581 0.43 -16.54 9.31
CA ASN C 581 0.15 -17.63 8.40
C ASN C 581 1.07 -17.73 7.20
N THR C 582 2.15 -16.95 7.20
CA THR C 582 3.14 -16.92 6.13
C THR C 582 4.57 -16.95 6.74
N ASN C 583 5.62 -17.08 5.88
CA ASN C 583 7.01 -17.00 6.30
C ASN C 583 7.37 -17.99 7.43
N GLY C 584 6.96 -19.24 7.27
CA GLY C 584 7.26 -20.28 8.23
C GLY C 584 6.47 -20.29 9.51
N HIS C 585 5.70 -19.23 9.80
CA HIS C 585 4.94 -19.18 11.05
C HIS C 585 3.75 -20.12 11.09
N ASN C 586 3.42 -20.80 9.99
CA ASN C 586 2.38 -21.82 9.99
C ASN C 586 2.82 -22.95 9.09
N SER C 587 3.06 -24.14 9.65
CA SER C 587 3.53 -25.26 8.88
C SER C 587 2.41 -26.19 8.41
N GLU C 588 1.13 -25.74 8.48
CA GLU C 588 0.03 -26.49 7.85
C GLU C 588 0.36 -26.53 6.33
N PRO C 589 0.18 -27.66 5.64
CA PRO C 589 0.61 -27.72 4.23
C PRO C 589 0.11 -26.58 3.33
N TRP C 590 -1.13 -26.09 3.54
CA TRP C 590 -1.67 -24.98 2.76
C TRP C 590 -0.94 -23.69 2.94
N ALA C 591 -0.37 -23.46 4.13
CA ALA C 591 0.35 -22.24 4.51
C ALA C 591 1.87 -22.46 4.67
N ALA C 592 2.35 -23.70 4.52
CA ALA C 592 3.73 -24.07 4.77
C ALA C 592 4.72 -23.32 3.94
N GLU C 593 4.42 -23.09 2.64
CA GLU C 593 5.37 -22.42 1.77
C GLU C 593 5.00 -20.99 1.41
N LEU C 594 4.06 -20.37 2.15
CA LEU C 594 3.62 -19.02 1.81
C LEU C 594 4.63 -17.96 2.18
N ARG C 595 4.73 -16.95 1.34
CA ARG C 595 5.57 -15.79 1.57
C ARG C 595 4.62 -14.59 1.67
N SER C 596 4.85 -13.68 2.63
CA SER C 596 3.93 -12.53 2.80
C SER C 596 3.98 -11.56 1.65
N GLU C 597 5.11 -11.47 0.92
CA GLU C 597 5.25 -10.57 -0.22
C GLU C 597 4.23 -10.83 -1.31
N ASP C 598 3.59 -12.00 -1.34
CA ASP C 598 2.62 -12.31 -2.36
C ASP C 598 1.25 -11.77 -2.06
N TYR C 599 1.10 -10.87 -1.07
CA TYR C 599 -0.20 -10.33 -0.66
C TYR C 599 -0.13 -8.80 -0.49
N GLU C 600 -1.26 -8.16 -0.68
CA GLU C 600 -1.37 -6.73 -0.56
C GLU C 600 -2.61 -6.37 0.24
N LEU C 601 -2.70 -5.09 0.61
CA LEU C 601 -3.81 -4.54 1.37
C LEU C 601 -4.48 -3.46 0.52
N LEU C 602 -5.80 -3.37 0.63
CA LEU C 602 -6.55 -2.33 -0.09
C LEU C 602 -6.95 -1.26 0.92
N CYS C 603 -6.68 0.01 0.61
CA CYS C 603 -6.99 1.13 1.50
C CYS C 603 -8.27 1.80 1.10
N PRO C 604 -8.95 2.42 2.07
CA PRO C 604 -10.17 3.15 1.74
C PRO C 604 -9.90 4.30 0.74
N ASN C 605 -8.67 4.85 0.70
CA ASN C 605 -8.37 5.94 -0.23
C ASN C 605 -8.14 5.47 -1.67
N GLY C 606 -8.17 4.18 -1.94
CA GLY C 606 -7.94 3.66 -3.28
C GLY C 606 -6.56 3.09 -3.53
N ALA C 607 -5.62 3.34 -2.62
CA ALA C 607 -4.25 2.83 -2.77
C ALA C 607 -4.13 1.34 -2.35
N ARG C 608 -3.03 0.68 -2.75
CA ARG C 608 -2.66 -0.66 -2.33
C ARG C 608 -1.39 -0.51 -1.48
N ALA C 609 -1.13 -1.45 -0.58
CA ALA C 609 0.03 -1.36 0.28
C ALA C 609 0.52 -2.72 0.67
N GLU C 610 1.80 -2.83 1.08
CA GLU C 610 2.38 -4.08 1.54
C GLU C 610 1.74 -4.43 2.87
N VAL C 611 1.56 -5.70 3.14
CA VAL C 611 0.87 -6.21 4.31
C VAL C 611 1.37 -5.58 5.64
N SER C 612 2.63 -5.14 5.65
CA SER C 612 3.28 -4.52 6.80
C SER C 612 2.88 -3.04 7.00
N GLN C 613 2.02 -2.47 6.16
CA GLN C 613 1.60 -1.09 6.30
C GLN C 613 0.16 -0.93 6.72
N PHE C 614 -0.35 -1.89 7.49
CA PHE C 614 -1.72 -1.90 7.99
C PHE C 614 -2.11 -0.63 8.72
N ALA C 615 -1.17 0.01 9.42
CA ALA C 615 -1.48 1.22 10.17
C ALA C 615 -2.00 2.34 9.25
N ALA C 616 -1.44 2.42 8.04
CA ALA C 616 -1.84 3.43 7.07
C ALA C 616 -2.85 2.98 6.04
N CYS C 617 -3.19 1.67 6.02
CA CYS C 617 -4.04 1.09 4.98
C CYS C 617 -4.96 0.07 5.59
N ASN C 618 -5.90 0.55 6.43
CA ASN C 618 -6.86 -0.34 7.09
C ASN C 618 -8.26 0.19 6.92
N LEU C 619 -9.24 -0.69 7.09
CA LEU C 619 -10.63 -0.30 7.00
C LEU C 619 -11.10 0.40 8.25
N ALA C 620 -10.57 0.03 9.42
CA ALA C 620 -10.90 0.64 10.73
C ALA C 620 -10.08 -0.01 11.82
N GLN C 621 -9.87 0.70 12.92
CA GLN C 621 -9.14 0.14 14.06
C GLN C 621 -10.14 -0.11 15.18
N ILE C 622 -10.12 -1.32 15.77
CA ILE C 622 -10.97 -1.67 16.90
C ILE C 622 -10.40 -0.92 18.08
N PRO C 623 -11.18 0.00 18.67
CA PRO C 623 -10.62 0.91 19.65
C PRO C 623 -10.33 0.28 20.98
N PRO C 624 -9.22 0.68 21.63
CA PRO C 624 -9.02 0.28 23.03
C PRO C 624 -10.16 0.82 23.91
N HIS C 625 -10.31 0.23 25.09
CA HIS C 625 -11.34 0.65 26.03
C HIS C 625 -11.09 2.08 26.53
N ALA C 626 -12.12 2.70 27.09
CA ALA C 626 -11.98 4.04 27.63
C ALA C 626 -12.93 4.27 28.78
N VAL C 627 -12.51 5.16 29.69
CA VAL C 627 -13.27 5.52 30.87
C VAL C 627 -14.26 6.61 30.51
N MET C 628 -15.57 6.32 30.59
CA MET C 628 -16.59 7.27 30.22
C MET C 628 -17.13 7.94 31.43
N VAL C 629 -17.18 9.26 31.39
CA VAL C 629 -17.71 10.09 32.47
C VAL C 629 -18.77 11.08 31.90
N ARG C 630 -19.40 11.92 32.77
CA ARG C 630 -20.31 12.98 32.34
C ARG C 630 -19.48 14.20 31.85
N PRO C 631 -20.07 15.01 30.94
CA PRO C 631 -19.34 16.19 30.44
C PRO C 631 -18.91 17.15 31.54
N ASP C 632 -19.80 17.39 32.53
CA ASP C 632 -19.51 18.27 33.66
C ASP C 632 -18.29 17.82 34.50
N THR C 633 -18.02 16.50 34.54
CA THR C 633 -16.90 15.93 35.28
C THR C 633 -15.57 16.37 34.68
N ASN C 634 -14.69 16.94 35.51
CA ASN C 634 -13.39 17.40 35.05
C ASN C 634 -12.56 16.21 34.65
N ILE C 635 -12.38 16.01 33.34
CA ILE C 635 -11.64 14.85 32.85
C ILE C 635 -10.18 14.86 33.27
N PHE C 636 -9.60 16.02 33.56
CA PHE C 636 -8.20 16.13 33.94
C PHE C 636 -7.92 15.67 35.36
N THR C 637 -8.95 15.68 36.24
CA THR C 637 -8.79 15.15 37.58
C THR C 637 -8.85 13.62 37.53
N VAL C 638 -9.62 13.05 36.58
CA VAL C 638 -9.76 11.61 36.39
C VAL C 638 -8.49 11.01 35.84
N TYR C 639 -7.97 11.56 34.71
CA TYR C 639 -6.70 11.08 34.20
C TYR C 639 -5.56 11.37 35.20
N GLY C 640 -5.61 12.51 35.86
CA GLY C 640 -4.60 12.87 36.86
C GLY C 640 -4.55 11.86 38.00
N LEU C 641 -5.71 11.41 38.45
CA LEU C 641 -5.75 10.39 39.50
C LEU C 641 -5.15 9.08 39.00
N LEU C 642 -5.60 8.61 37.83
CA LEU C 642 -5.12 7.37 37.22
C LEU C 642 -3.65 7.42 36.89
N ASP C 643 -3.13 8.56 36.42
CA ASP C 643 -1.71 8.65 36.10
C ASP C 643 -0.88 8.64 37.33
N LYS C 644 -1.28 9.38 38.36
CA LYS C 644 -0.53 9.35 39.63
C LYS C 644 -0.58 7.96 40.25
N ALA C 645 -1.74 7.29 40.14
CA ALA C 645 -1.93 5.94 40.66
C ALA C 645 -1.05 4.95 39.93
N GLN C 646 -1.08 4.93 38.58
CA GLN C 646 -0.28 4.02 37.80
C GLN C 646 1.20 4.23 37.97
N ASP C 647 1.65 5.43 38.32
CA ASP C 647 3.06 5.64 38.65
C ASP C 647 3.52 4.71 39.81
N LEU C 648 2.59 4.32 40.70
CA LEU C 648 2.83 3.43 41.82
C LEU C 648 2.29 2.00 41.59
N PHE C 649 1.08 1.88 41.03
CA PHE C 649 0.33 0.63 40.92
C PHE C 649 0.08 0.11 39.52
N GLY C 650 0.76 0.67 38.53
CA GLY C 650 0.56 0.28 37.15
C GLY C 650 1.27 -1.01 36.80
N ASP C 651 2.59 -1.04 37.00
CA ASP C 651 3.41 -2.19 36.68
C ASP C 651 2.99 -3.42 37.41
N ASP C 652 2.79 -4.54 36.71
CA ASP C 652 2.34 -5.78 37.34
C ASP C 652 3.29 -6.34 38.39
N HIS C 653 4.53 -5.83 38.45
CA HIS C 653 5.47 -6.31 39.47
C HIS C 653 5.92 -5.21 40.41
N ASN C 654 5.10 -4.16 40.58
CA ASN C 654 5.39 -3.06 41.49
C ASN C 654 5.42 -3.62 42.91
N LYS C 655 6.12 -2.92 43.78
CA LYS C 655 6.24 -3.36 45.16
C LYS C 655 5.36 -2.50 46.10
N ASN C 656 4.32 -1.84 45.57
CA ASN C 656 3.48 -0.94 46.35
C ASN C 656 2.13 -1.50 46.78
N GLY C 657 1.97 -2.80 46.74
CA GLY C 657 0.77 -3.43 47.26
C GLY C 657 -0.56 -3.20 46.59
N PHE C 658 -0.55 -3.00 45.28
CA PHE C 658 -1.76 -2.90 44.45
C PHE C 658 -1.32 -2.94 43.03
N LYS C 659 -2.06 -3.68 42.21
CA LYS C 659 -1.84 -3.83 40.77
C LYS C 659 -3.16 -3.47 40.09
N MET C 660 -3.22 -2.29 39.44
CA MET C 660 -4.46 -1.86 38.80
C MET C 660 -4.84 -2.69 37.58
N PHE C 661 -3.87 -3.30 36.89
CA PHE C 661 -4.16 -4.00 35.64
C PHE C 661 -3.83 -5.48 35.74
N ASP C 662 -4.23 -6.07 36.87
CA ASP C 662 -4.06 -7.50 37.17
C ASP C 662 -5.22 -7.90 38.02
N SER C 663 -5.61 -9.18 37.97
CA SER C 663 -6.73 -9.67 38.77
C SER C 663 -6.47 -11.03 39.39
N SER C 664 -5.21 -11.29 39.80
CA SER C 664 -4.89 -12.58 40.40
C SER C 664 -5.48 -12.73 41.79
N ASN C 665 -5.58 -11.62 42.54
CA ASN C 665 -6.11 -11.67 43.88
C ASN C 665 -7.62 -11.88 43.97
N TYR C 666 -8.32 -11.88 42.82
CA TYR C 666 -9.79 -11.94 42.82
C TYR C 666 -10.32 -13.07 41.98
N HIS C 667 -11.56 -13.52 42.30
CA HIS C 667 -12.20 -14.61 41.57
C HIS C 667 -12.84 -14.08 40.27
N GLY C 668 -12.00 -13.45 39.45
CA GLY C 668 -12.39 -12.86 38.19
C GLY C 668 -11.20 -12.39 37.38
N GLN C 669 -11.46 -11.93 36.17
CA GLN C 669 -10.44 -11.42 35.26
C GLN C 669 -10.92 -10.11 34.67
N ASP C 670 -9.99 -9.32 34.13
CA ASP C 670 -10.28 -8.02 33.52
C ASP C 670 -11.20 -7.16 34.39
N LEU C 671 -10.91 -7.13 35.68
CA LEU C 671 -11.70 -6.39 36.64
C LEU C 671 -11.28 -4.96 36.64
N LEU C 672 -12.25 -4.05 36.47
CA LEU C 672 -12.08 -2.60 36.37
C LEU C 672 -11.42 -2.18 35.07
N PHE C 673 -10.30 -2.82 34.72
CA PHE C 673 -9.60 -2.62 33.46
C PHE C 673 -9.13 -3.99 32.97
N LYS C 674 -9.02 -4.14 31.63
CA LYS C 674 -8.49 -5.37 31.01
C LYS C 674 -7.11 -5.63 31.59
N ASP C 675 -6.84 -6.88 31.96
CA ASP C 675 -5.53 -7.23 32.52
C ASP C 675 -4.40 -6.97 31.52
N ALA C 676 -4.74 -6.90 30.22
CA ALA C 676 -3.82 -6.59 29.14
C ALA C 676 -3.35 -5.14 29.15
N THR C 677 -4.05 -4.23 29.91
CA THR C 677 -3.68 -2.82 29.98
C THR C 677 -2.27 -2.67 30.51
N VAL C 678 -1.46 -1.95 29.79
CA VAL C 678 -0.10 -1.68 30.19
C VAL C 678 -0.05 -0.33 30.90
N ARG C 679 -0.78 0.65 30.37
CA ARG C 679 -0.78 2.02 30.89
CA ARG C 679 -0.77 2.02 30.87
C ARG C 679 -2.12 2.69 30.55
N ALA C 680 -2.54 3.67 31.34
CA ALA C 680 -3.78 4.42 31.07
C ALA C 680 -3.29 5.72 30.39
N VAL C 681 -3.99 6.14 29.32
CA VAL C 681 -3.56 7.27 28.54
C VAL C 681 -4.58 8.41 28.45
N PRO C 682 -4.12 9.65 28.27
CA PRO C 682 -5.06 10.76 28.13
C PRO C 682 -5.75 10.71 26.78
N VAL C 683 -6.98 11.24 26.67
CA VAL C 683 -7.71 11.21 25.40
C VAL C 683 -7.15 12.17 24.33
N GLY C 684 -6.32 13.13 24.74
CA GLY C 684 -5.72 14.09 23.83
C GLY C 684 -6.79 14.94 23.18
N GLU C 685 -6.83 14.93 21.84
CA GLU C 685 -7.88 15.67 21.14
C GLU C 685 -9.06 14.77 20.69
N LYS C 686 -9.14 13.55 21.21
CA LYS C 686 -10.26 12.67 20.91
C LYS C 686 -11.21 12.82 22.09
N THR C 687 -11.60 14.06 22.39
CA THR C 687 -12.41 14.36 23.57
C THR C 687 -13.86 13.91 23.50
N THR C 688 -14.30 13.36 22.36
CA THR C 688 -15.68 12.92 22.13
C THR C 688 -15.75 11.42 21.87
N TYR C 689 -16.94 10.81 22.02
CA TYR C 689 -17.09 9.38 21.73
C TYR C 689 -16.78 9.05 20.28
N ARG C 690 -17.16 9.93 19.34
CA ARG C 690 -16.89 9.70 17.93
C ARG C 690 -15.41 9.82 17.64
N GLY C 691 -14.74 10.76 18.28
CA GLY C 691 -13.32 10.95 18.07
C GLY C 691 -12.49 9.81 18.61
N TRP C 692 -12.93 9.22 19.75
CA TRP C 692 -12.22 8.10 20.38
C TRP C 692 -12.38 6.84 19.57
N LEU C 693 -13.62 6.55 19.15
CA LEU C 693 -13.87 5.39 18.32
C LEU C 693 -13.26 5.50 16.93
N GLY C 694 -12.92 6.70 16.49
CA GLY C 694 -12.39 6.93 15.15
C GLY C 694 -13.52 7.10 14.14
N LEU C 695 -13.25 7.82 13.03
CA LEU C 695 -14.31 8.05 12.04
C LEU C 695 -14.56 6.85 11.10
N ASP C 696 -13.48 6.14 10.70
CA ASP C 696 -13.57 4.94 9.90
C ASP C 696 -14.41 3.86 10.62
N TYR C 697 -14.27 3.77 11.94
CA TYR C 697 -14.96 2.75 12.72
C TYR C 697 -16.39 3.09 12.97
N VAL C 698 -16.68 4.37 13.24
CA VAL C 698 -18.06 4.78 13.51
C VAL C 698 -18.89 4.74 12.24
N ALA C 699 -18.25 5.02 11.08
CA ALA C 699 -18.93 4.97 9.78
C ALA C 699 -19.47 3.56 9.52
N ALA C 700 -18.67 2.52 9.81
CA ALA C 700 -19.10 1.15 9.59
C ALA C 700 -20.18 0.74 10.58
N LEU C 701 -20.06 1.17 11.85
CA LEU C 701 -21.05 0.86 12.88
C LEU C 701 -22.39 1.49 12.51
N GLU C 702 -22.35 2.77 12.16
CA GLU C 702 -23.55 3.49 11.75
C GLU C 702 -24.12 2.93 10.45
N GLY C 703 -23.24 2.51 9.55
CA GLY C 703 -23.64 1.92 8.27
C GLY C 703 -24.52 0.69 8.44
N MET C 704 -24.24 -0.12 9.45
CA MET C 704 -24.94 -1.36 9.75
C MET C 704 -26.26 -1.14 10.48
N SER C 705 -26.35 -0.06 11.30
CA SER C 705 -27.55 0.28 12.07
C SER C 705 -28.80 0.34 11.21
N SER C 706 -28.64 0.72 9.94
CA SER C 706 -29.71 0.78 8.93
C SER C 706 -29.50 -0.35 7.86
C1 NAG D . 8.72 62.47 27.71
C2 NAG D . 8.24 62.96 29.07
C3 NAG D . 9.46 63.45 29.86
C4 NAG D . 10.53 62.36 29.92
C5 NAG D . 10.88 61.87 28.52
C6 NAG D . 11.84 60.70 28.51
C7 NAG D . 6.14 64.21 29.38
C8 NAG D . 5.30 65.34 28.88
N2 NAG D . 7.33 64.08 28.81
O3 NAG D . 9.06 63.83 31.17
O4 NAG D . 11.70 62.83 30.60
O5 NAG D . 9.69 61.43 27.85
O6 NAG D . 11.56 59.73 29.51
O7 NAG D . 5.75 63.45 30.26
C1 NAG D . 11.88 62.48 31.95
C2 NAG D . 13.34 62.69 32.34
C3 NAG D . 13.53 62.34 33.82
C4 NAG D . 12.50 63.04 34.71
C5 NAG D . 11.08 62.94 34.16
C6 NAG D . 10.11 63.87 34.87
C7 NAG D . 14.73 62.23 30.38
C8 NAG D . 15.56 61.22 29.66
N2 NAG D . 14.17 61.84 31.52
O3 NAG D . 14.84 62.73 34.23
O4 NAG D . 12.55 62.48 36.03
O5 NAG D . 11.07 63.31 32.77
O6 NAG D . 8.87 63.97 34.18
O7 NAG D . 14.56 63.37 29.94
C1 NAG E . -20.54 -12.98 -11.75
C2 NAG E . -19.42 -12.85 -12.79
C3 NAG E . -20.05 -12.70 -14.18
C4 NAG E . -21.05 -13.82 -14.47
C5 NAG E . -22.09 -13.84 -13.37
C6 NAG E . -23.13 -14.94 -13.51
C7 NAG E . -17.35 -11.74 -12.12
C8 NAG E . -16.72 -10.44 -11.71
N2 NAG E . -18.64 -11.68 -12.44
O3 NAG E . -19.01 -12.65 -15.15
O4 NAG E . -21.67 -13.63 -15.75
O5 NAG E . -21.45 -14.03 -12.10
O6 NAG E . -22.65 -16.19 -13.05
O7 NAG E . -16.73 -12.79 -12.15
C1 NAG E . -21.01 -14.12 -16.94
C2 NAG E . -22.12 -14.55 -17.93
C3 NAG E . -21.58 -14.80 -19.34
C4 NAG E . -20.69 -13.65 -19.80
C5 NAG E . -19.58 -13.41 -18.79
C6 NAG E . -18.71 -12.24 -19.16
C7 NAG E . -24.02 -15.65 -16.86
C8 NAG E . -24.59 -16.95 -16.36
N2 NAG E . -22.81 -15.71 -17.41
O3 NAG E . -22.68 -14.91 -20.23
O4 NAG E . -20.18 -13.87 -21.13
O5 NAG E . -20.18 -13.10 -17.51
O6 NAG E . -17.89 -11.79 -18.07
O7 NAG E . -24.64 -14.59 -16.76
C1 NAG F . -5.13 32.46 38.43
C2 NAG F . -4.51 32.99 39.73
C3 NAG F . -5.25 32.43 40.95
C4 NAG F . -6.74 32.71 40.83
C5 NAG F . -7.27 32.03 39.57
C6 NAG F . -8.75 32.25 39.36
C7 NAG F . -2.24 33.62 40.37
C8 NAG F . -0.94 33.07 40.86
N2 NAG F . -3.09 32.73 39.85
O3 NAG F . -4.73 32.97 42.15
O4 NAG F . -7.44 32.26 42.00
O5 NAG F . -6.58 32.53 38.41
O6 NAG F . -9.53 31.73 40.45
O7 NAG F . -2.51 34.81 40.46
MG MG G . -36.65 -8.70 5.17
NA NA H . -1.40 -6.91 33.40
FE FE I . -0.10 38.29 25.46
C BCT J . 1.61 37.14 27.20
O1 BCT J . 2.01 36.06 28.05
O2 BCT J . 1.90 38.34 27.61
O3 BCT J . 1.01 36.75 26.15
#